data_1UOD
#
_entry.id   1UOD
#
_cell.length_a   96.498
_cell.length_b   97.055
_cell.length_c   86.123
_cell.angle_alpha   90.00
_cell.angle_beta   90.00
_cell.angle_gamma   90.00
#
_symmetry.space_group_name_H-M   'P 21 21 2'
#
loop_
_entity.id
_entity.type
_entity.pdbx_description
1 polymer 'DIHYDROXYACETONE KINASE'
2 non-polymer GLYCERALDEHYDE-3-PHOSPHATE
3 non-polymer 'SULFATE ION'
4 water water
#
_entity_poly.entity_id   1
_entity_poly.type   'polypeptide(L)'
_entity_poly.pdbx_seq_one_letter_code
;MPYRNCWSKIMKKLINDVQDVLDEQLAGLAKAHPSLTLHQDPVYVTRADAPVAGKVALLSGGGSGHEPMHCGYIGQGMLS
GACPGEIFTSPTPDKIFECAMQVDGGEGVLLIIKNYTGDILNFETATELLHDSGVKVTTVVIDDDVAVKDSLYTAGRRGV
ANTVLIEKLVGAAAERGDSLDACAELGRKLNNQGHSIGIALGACTVPAAGKPSFTLADNEMEFGVGIHGEPGIDRRPFSS
LDQTVDEMFDTLLVNGSYHRTLRFWDYQQGSWQEEQQTKQPLQSGDRVIALVNNLGATPLSELYGVYNRLTTRCQQAGLT
IERNLIGAYCTSLDMTGFSITLLKVDDETLALWDAPVHTPALNWGK
;
_entity_poly.pdbx_strand_id   A,B
#
loop_
_chem_comp.id
_chem_comp.type
_chem_comp.name
_chem_comp.formula
G3H non-polymer GLYCERALDEHYDE-3-PHOSPHATE 'C3 H7 O6 P'
SO4 non-polymer 'SULFATE ION' 'O4 S -2'
#
# COMPACT_ATOMS: atom_id res chain seq x y z
N ASP A 20 -1.56 8.87 -24.87
CA ASP A 20 -0.82 7.68 -24.36
C ASP A 20 -1.08 7.49 -22.86
N VAL A 21 -1.62 6.32 -22.52
CA VAL A 21 -1.95 6.02 -21.15
C VAL A 21 -0.71 5.89 -20.28
N LEU A 22 0.37 5.32 -20.82
CA LEU A 22 1.58 5.16 -20.01
C LEU A 22 2.14 6.54 -19.70
N ASP A 23 2.00 7.44 -20.67
CA ASP A 23 2.45 8.82 -20.51
C ASP A 23 1.67 9.48 -19.40
N GLU A 24 0.36 9.20 -19.37
CA GLU A 24 -0.53 9.81 -18.36
C GLU A 24 -0.19 9.28 -16.96
N GLN A 25 0.08 7.98 -16.89
CA GLN A 25 0.44 7.34 -15.61
C GLN A 25 1.73 7.89 -15.06
N LEU A 26 2.74 8.08 -15.91
CA LEU A 26 4.01 8.60 -15.39
C LEU A 26 3.84 10.09 -15.06
N ALA A 27 3.06 10.81 -15.85
CA ALA A 27 2.79 12.21 -15.51
C ALA A 27 2.14 12.25 -14.10
N GLY A 28 1.24 11.32 -13.83
CA GLY A 28 0.56 11.28 -12.55
C GLY A 28 1.53 11.01 -11.42
N LEU A 29 2.42 10.06 -11.65
CA LEU A 29 3.41 9.71 -10.66
C LEU A 29 4.22 10.93 -10.30
N ALA A 30 4.69 11.63 -11.32
CA ALA A 30 5.51 12.84 -11.13
C ALA A 30 4.78 13.97 -10.38
N LYS A 31 3.54 14.23 -10.78
CA LYS A 31 2.73 15.25 -10.10
C LYS A 31 2.47 14.89 -8.63
N ALA A 32 2.29 13.60 -8.36
CA ALA A 32 2.00 13.15 -7.02
C ALA A 32 3.23 13.19 -6.08
N HIS A 33 4.44 13.10 -6.65
CA HIS A 33 5.64 13.01 -5.81
C HIS A 33 6.72 13.98 -6.22
N PRO A 34 6.71 15.14 -5.59
CA PRO A 34 7.73 16.15 -5.90
C PRO A 34 9.18 15.66 -5.56
N SER A 35 9.31 14.58 -4.79
CA SER A 35 10.66 14.04 -4.52
C SER A 35 11.25 13.34 -5.73
N LEU A 36 10.44 13.20 -6.78
CA LEU A 36 10.88 12.53 -8.01
C LEU A 36 10.93 13.51 -9.18
N THR A 37 11.82 13.23 -10.14
CA THR A 37 11.86 13.99 -11.37
C THR A 37 11.61 13.06 -12.56
N LEU A 38 10.63 13.40 -13.40
CA LEU A 38 10.34 12.59 -14.59
C LEU A 38 11.10 13.21 -15.73
N HIS A 39 11.98 12.45 -16.36
CA HIS A 39 12.72 12.99 -17.49
C HIS A 39 12.04 12.63 -18.80
N GLN A 40 12.28 13.42 -19.85
CA GLN A 40 11.76 13.04 -21.17
C GLN A 40 12.93 13.04 -22.18
N ASP A 41 12.82 12.19 -23.20
CA ASP A 41 13.86 12.09 -24.25
C ASP A 41 15.28 11.73 -23.76
N PRO A 42 15.45 10.52 -23.24
CA PRO A 42 14.40 9.53 -23.10
C PRO A 42 13.74 9.56 -21.71
N VAL A 43 12.63 8.85 -21.61
CA VAL A 43 11.90 8.79 -20.34
C VAL A 43 12.58 7.89 -19.32
N TYR A 44 12.73 8.41 -18.11
CA TYR A 44 13.18 7.65 -16.93
C TYR A 44 12.83 8.52 -15.69
N VAL A 45 12.98 7.97 -14.48
CA VAL A 45 12.61 8.71 -13.28
C VAL A 45 13.80 8.73 -12.33
N THR A 46 14.10 9.87 -11.71
CA THR A 46 15.18 9.90 -10.71
C THR A 46 14.71 10.62 -9.43
N ARG A 47 15.49 10.49 -8.36
CA ARG A 47 15.28 11.31 -7.19
C ARG A 47 15.51 12.76 -7.65
N ALA A 48 14.70 13.67 -7.12
CA ALA A 48 14.83 15.08 -7.48
C ALA A 48 16.18 15.64 -7.09
N ASP A 49 16.81 15.05 -6.09
CA ASP A 49 18.12 15.51 -5.67
C ASP A 49 19.33 14.80 -6.33
N ALA A 50 19.06 13.94 -7.32
CA ALA A 50 20.17 13.26 -8.02
C ALA A 50 20.76 14.26 -9.00
N PRO A 51 22.07 14.17 -9.27
CA PRO A 51 22.96 13.18 -8.68
C PRO A 51 23.36 13.55 -7.25
N VAL A 52 23.37 12.56 -6.38
CA VAL A 52 23.81 12.75 -5.00
C VAL A 52 25.29 12.42 -5.00
N ALA A 53 26.09 13.44 -4.79
CA ALA A 53 27.54 13.30 -4.77
C ALA A 53 28.05 12.43 -3.62
N GLY A 54 29.04 11.60 -3.91
CA GLY A 54 29.73 10.86 -2.86
C GLY A 54 29.13 9.54 -2.44
N LYS A 55 28.05 9.12 -3.08
CA LYS A 55 27.44 7.82 -2.74
C LYS A 55 27.27 7.01 -4.01
N VAL A 56 27.37 5.70 -3.84
CA VAL A 56 27.08 4.80 -4.95
C VAL A 56 25.63 5.08 -5.37
N ALA A 57 25.38 5.15 -6.68
CA ALA A 57 23.99 5.33 -7.16
C ALA A 57 23.41 3.96 -7.51
N LEU A 58 22.15 3.72 -7.14
CA LEU A 58 21.50 2.42 -7.41
C LEU A 58 20.38 2.59 -8.40
N LEU A 59 20.36 1.75 -9.44
CA LEU A 59 19.35 1.84 -10.48
C LEU A 59 18.74 0.48 -10.82
N SER A 60 17.45 0.47 -11.14
CA SER A 60 16.83 -0.72 -11.68
C SER A 60 15.77 -0.30 -12.72
N GLY A 61 15.00 -1.27 -13.21
CA GLY A 61 13.97 -0.98 -14.19
C GLY A 61 13.43 -2.27 -14.76
N GLY A 62 12.46 -2.18 -15.66
CA GLY A 62 11.82 -3.33 -16.26
C GLY A 62 10.49 -2.86 -16.82
N GLY A 63 9.61 -3.80 -17.14
CA GLY A 63 8.39 -3.36 -17.77
C GLY A 63 7.51 -2.58 -16.83
N SER A 64 6.58 -1.79 -17.36
CA SER A 64 5.52 -1.19 -16.54
C SER A 64 4.57 -2.37 -16.27
N GLY A 65 3.68 -2.21 -15.28
CA GLY A 65 2.78 -3.26 -14.90
C GLY A 65 3.12 -3.97 -13.60
N HIS A 66 4.22 -3.59 -12.96
CA HIS A 66 4.60 -4.20 -11.68
C HIS A 66 4.57 -3.15 -10.54
N GLU A 67 4.03 -1.96 -10.83
CA GLU A 67 3.94 -0.83 -9.86
C GLU A 67 3.49 -1.34 -8.49
N PRO A 68 4.11 -0.90 -7.40
CA PRO A 68 5.13 0.18 -7.39
C PRO A 68 6.58 -0.21 -7.77
N MET A 69 6.85 -1.44 -8.18
CA MET A 69 8.23 -1.74 -8.61
C MET A 69 8.36 -1.23 -10.06
N HIS A 70 9.37 -0.42 -10.40
CA HIS A 70 10.44 0.05 -9.50
C HIS A 70 10.33 1.54 -9.11
N CYS A 71 9.47 2.31 -9.78
CA CYS A 71 9.42 3.76 -9.50
C CYS A 71 9.04 4.19 -8.08
N GLY A 72 8.24 3.36 -7.42
CA GLY A 72 7.80 3.65 -6.06
C GLY A 72 8.95 3.40 -5.07
N TYR A 73 10.11 2.91 -5.56
CA TYR A 73 11.25 2.63 -4.68
C TYR A 73 12.34 3.64 -4.89
N ILE A 74 12.03 4.76 -5.54
CA ILE A 74 13.05 5.80 -5.75
C ILE A 74 13.04 6.78 -4.56
N GLY A 75 14.20 6.93 -3.92
CA GLY A 75 14.33 7.83 -2.79
C GLY A 75 15.51 7.48 -1.89
N GLN A 76 15.71 8.31 -0.87
CA GLN A 76 16.81 8.11 0.04
C GLN A 76 16.74 6.71 0.65
N GLY A 77 17.89 6.02 0.67
CA GLY A 77 17.98 4.68 1.24
C GLY A 77 17.48 3.61 0.29
N MET A 78 17.16 3.95 -0.96
CA MET A 78 16.75 2.91 -1.90
C MET A 78 17.25 3.30 -3.29
N LEU A 79 16.41 3.21 -4.32
CA LEU A 79 16.92 3.53 -5.67
C LEU A 79 17.20 5.01 -5.93
N SER A 80 18.25 5.29 -6.71
CA SER A 80 18.55 6.68 -7.10
C SER A 80 17.65 7.01 -8.31
N GLY A 81 17.22 5.97 -9.01
CA GLY A 81 16.42 6.16 -10.20
C GLY A 81 15.92 4.84 -10.74
N ALA A 82 15.00 4.88 -11.69
CA ALA A 82 14.47 3.65 -12.29
C ALA A 82 14.04 3.93 -13.73
N CYS A 83 13.98 2.86 -14.52
CA CYS A 83 13.69 2.98 -15.93
C CYS A 83 12.53 2.10 -16.35
N PRO A 84 11.32 2.61 -16.27
CA PRO A 84 10.15 1.84 -16.69
C PRO A 84 10.14 1.68 -18.22
N GLY A 85 9.68 0.52 -18.68
CA GLY A 85 9.53 0.26 -20.11
C GLY A 85 8.02 0.23 -20.40
N GLU A 86 7.66 -0.25 -21.57
CA GLU A 86 6.26 -0.42 -21.92
C GLU A 86 5.78 -1.56 -21.07
N ILE A 87 4.48 -1.81 -21.06
CA ILE A 87 3.92 -2.91 -20.26
C ILE A 87 4.65 -4.20 -20.50
N PHE A 88 5.11 -4.81 -19.40
CA PHE A 88 5.79 -6.08 -19.43
C PHE A 88 6.93 -6.13 -20.42
N THR A 89 7.56 -4.99 -20.70
CA THR A 89 8.67 -4.97 -21.65
C THR A 89 9.84 -4.19 -21.11
N SER A 90 11.05 -4.74 -21.20
CA SER A 90 12.24 -4.06 -20.65
C SER A 90 12.40 -2.67 -21.28
N PRO A 91 12.93 -1.71 -20.53
CA PRO A 91 13.24 -0.41 -21.13
C PRO A 91 14.38 -0.59 -22.15
N THR A 92 14.42 0.25 -23.18
CA THR A 92 15.53 0.19 -24.15
C THR A 92 16.82 0.73 -23.50
N PRO A 93 17.99 0.40 -24.08
CA PRO A 93 19.28 0.76 -23.48
C PRO A 93 19.53 2.25 -23.34
N ASP A 94 19.01 3.07 -24.26
CA ASP A 94 19.18 4.53 -24.14
C ASP A 94 18.59 5.03 -22.82
N LYS A 95 17.44 4.49 -22.43
CA LYS A 95 16.82 4.92 -21.16
C LYS A 95 17.70 4.61 -19.97
N ILE A 96 18.29 3.41 -19.97
CA ILE A 96 19.10 2.96 -18.84
C ILE A 96 20.39 3.76 -18.76
N PHE A 97 21.00 3.99 -19.92
CA PHE A 97 22.24 4.76 -19.99
C PHE A 97 22.03 6.18 -19.48
N GLU A 98 20.98 6.84 -19.97
CA GLU A 98 20.76 8.24 -19.59
C GLU A 98 20.38 8.35 -18.12
N CYS A 99 19.63 7.38 -17.63
CA CYS A 99 19.27 7.42 -16.22
C CYS A 99 20.53 7.26 -15.36
N ALA A 100 21.39 6.31 -15.72
CA ALA A 100 22.64 6.09 -14.99
C ALA A 100 23.55 7.33 -15.01
N MET A 101 23.66 7.98 -16.15
CA MET A 101 24.46 9.19 -16.24
C MET A 101 23.87 10.29 -15.37
N GLN A 102 22.55 10.37 -15.32
CA GLN A 102 21.96 11.43 -14.54
C GLN A 102 22.19 11.24 -13.02
N VAL A 103 22.21 9.98 -12.55
CA VAL A 103 22.31 9.75 -11.09
C VAL A 103 23.72 9.54 -10.58
N ASP A 104 24.68 9.38 -11.49
CA ASP A 104 26.07 9.10 -11.15
C ASP A 104 26.61 10.16 -10.21
N GLY A 105 27.00 9.73 -9.00
CA GLY A 105 27.51 10.66 -8.00
C GLY A 105 29.02 10.57 -7.88
N GLY A 106 29.66 9.95 -8.86
CA GLY A 106 31.11 9.85 -8.88
C GLY A 106 31.68 8.66 -8.13
N GLU A 107 30.80 7.84 -7.56
CA GLU A 107 31.25 6.64 -6.84
C GLU A 107 30.79 5.35 -7.53
N GLY A 108 30.29 5.46 -8.77
CA GLY A 108 29.87 4.30 -9.53
C GLY A 108 28.35 4.12 -9.51
N VAL A 109 27.85 3.30 -10.42
CA VAL A 109 26.42 3.04 -10.50
C VAL A 109 26.26 1.53 -10.46
N LEU A 110 25.35 1.05 -9.60
CA LEU A 110 25.05 -0.37 -9.47
C LEU A 110 23.71 -0.64 -10.16
N LEU A 111 23.68 -1.59 -11.09
CA LEU A 111 22.43 -1.87 -11.83
C LEU A 111 21.84 -3.17 -11.31
N ILE A 112 20.61 -3.12 -10.82
CA ILE A 112 19.94 -4.34 -10.37
C ILE A 112 19.07 -4.82 -11.52
N ILE A 113 19.29 -6.05 -11.98
CA ILE A 113 18.59 -6.52 -13.16
C ILE A 113 17.79 -7.79 -12.85
N LYS A 114 16.49 -7.77 -13.11
CA LYS A 114 15.69 -9.02 -12.91
C LYS A 114 16.02 -10.01 -14.04
N ASN A 115 16.08 -11.30 -13.73
CA ASN A 115 16.49 -12.29 -14.73
C ASN A 115 15.42 -12.66 -15.76
N TYR A 116 15.38 -11.91 -16.88
CA TYR A 116 14.47 -12.14 -18.03
C TYR A 116 15.30 -11.82 -19.25
N THR A 117 15.05 -12.56 -20.32
CA THR A 117 15.77 -12.36 -21.58
C THR A 117 15.92 -10.89 -21.96
N GLY A 118 14.80 -10.18 -22.01
CA GLY A 118 14.82 -8.79 -22.41
C GLY A 118 15.59 -7.87 -21.48
N ASP A 119 15.37 -8.02 -20.17
CA ASP A 119 16.04 -7.17 -19.20
C ASP A 119 17.53 -7.42 -19.23
N ILE A 120 17.95 -8.68 -19.28
CA ILE A 120 19.39 -8.94 -19.27
C ILE A 120 20.04 -8.34 -20.53
N LEU A 121 19.43 -8.55 -21.68
CA LEU A 121 19.98 -8.01 -22.91
C LEU A 121 20.14 -6.46 -22.85
N ASN A 122 19.04 -5.77 -22.50
CA ASN A 122 19.02 -4.31 -22.50
C ASN A 122 19.89 -3.72 -21.41
N PHE A 123 19.81 -4.29 -20.19
CA PHE A 123 20.69 -3.76 -19.13
C PHE A 123 22.17 -4.04 -19.40
N GLU A 124 22.48 -5.21 -19.99
CA GLU A 124 23.86 -5.54 -20.32
C GLU A 124 24.40 -4.61 -21.40
N THR A 125 23.58 -4.29 -22.39
CA THR A 125 23.98 -3.34 -23.44
C THR A 125 24.25 -1.95 -22.85
N ALA A 126 23.37 -1.50 -21.96
CA ALA A 126 23.57 -0.20 -21.32
C ALA A 126 24.85 -0.20 -20.46
N THR A 127 25.10 -1.29 -19.76
CA THR A 127 26.30 -1.43 -18.95
C THR A 127 27.55 -1.17 -19.81
N GLU A 128 27.59 -1.80 -20.97
CA GLU A 128 28.76 -1.60 -21.86
C GLU A 128 28.86 -0.17 -22.36
N LEU A 129 27.73 0.42 -22.73
CA LEU A 129 27.73 1.83 -23.19
C LEU A 129 28.25 2.73 -22.07
N LEU A 130 27.79 2.47 -20.85
CA LEU A 130 28.23 3.24 -19.68
C LEU A 130 29.75 3.11 -19.48
N HIS A 131 30.25 1.87 -19.41
CA HIS A 131 31.67 1.66 -19.25
C HIS A 131 32.46 2.45 -20.31
N ASP A 132 32.02 2.38 -21.54
CA ASP A 132 32.72 3.06 -22.63
C ASP A 132 32.70 4.59 -22.51
N SER A 133 31.73 5.09 -21.75
CA SER A 133 31.61 6.51 -21.49
C SER A 133 32.35 6.87 -20.20
N GLY A 134 33.03 5.90 -19.59
CA GLY A 134 33.84 6.17 -18.43
C GLY A 134 33.18 6.01 -17.07
N VAL A 135 31.94 5.54 -17.08
CA VAL A 135 31.22 5.36 -15.82
C VAL A 135 31.62 4.02 -15.20
N LYS A 136 31.92 4.04 -13.91
CA LYS A 136 32.22 2.83 -13.19
C LYS A 136 30.89 2.17 -12.88
N VAL A 137 30.70 0.99 -13.45
CA VAL A 137 29.43 0.34 -13.28
C VAL A 137 29.58 -1.15 -13.04
N THR A 138 28.63 -1.73 -12.33
CA THR A 138 28.57 -3.19 -12.23
C THR A 138 27.13 -3.59 -12.02
N THR A 139 26.88 -4.90 -11.91
CA THR A 139 25.56 -5.42 -11.97
C THR A 139 25.27 -6.45 -10.91
N VAL A 140 23.98 -6.60 -10.65
CA VAL A 140 23.49 -7.68 -9.78
C VAL A 140 22.27 -8.28 -10.48
N VAL A 141 22.29 -9.61 -10.70
CA VAL A 141 21.18 -10.28 -11.31
C VAL A 141 20.32 -10.95 -10.25
N ILE A 142 18.99 -10.84 -10.40
CA ILE A 142 18.07 -11.40 -9.42
C ILE A 142 17.33 -12.60 -10.01
N ASP A 143 17.45 -13.75 -9.36
CA ASP A 143 16.82 -14.98 -9.88
C ASP A 143 16.14 -15.86 -8.79
N ASP A 144 15.34 -15.18 -7.96
CA ASP A 144 14.68 -15.78 -6.79
C ASP A 144 13.49 -16.67 -6.97
N ASP A 145 12.83 -16.66 -8.13
CA ASP A 145 11.60 -17.45 -8.31
C ASP A 145 11.98 -18.93 -8.36
N VAL A 146 11.60 -19.71 -7.35
CA VAL A 146 12.03 -21.11 -7.33
C VAL A 146 11.20 -22.07 -8.21
N ALA A 147 10.13 -21.58 -8.81
CA ALA A 147 9.19 -22.46 -9.50
C ALA A 147 9.63 -23.19 -10.76
N VAL A 148 10.32 -22.46 -11.63
CA VAL A 148 10.69 -23.01 -12.93
C VAL A 148 12.06 -22.53 -13.39
N LYS A 149 12.84 -23.47 -13.93
CA LYS A 149 14.15 -23.16 -14.50
C LYS A 149 13.92 -23.17 -16.02
N ASP A 150 14.29 -22.08 -16.68
CA ASP A 150 14.14 -21.94 -18.13
C ASP A 150 12.70 -21.67 -18.58
N SER A 151 12.07 -20.68 -17.97
CA SER A 151 10.71 -20.28 -18.33
C SER A 151 10.57 -19.74 -19.76
N LEU A 152 9.44 -19.10 -20.01
CA LEU A 152 9.12 -18.54 -21.32
C LEU A 152 10.09 -17.47 -21.77
N TYR A 153 10.43 -16.54 -20.87
CA TYR A 153 11.32 -15.43 -21.22
C TYR A 153 12.52 -15.27 -20.27
N THR A 154 13.05 -16.39 -19.78
CA THR A 154 14.17 -16.41 -18.85
C THR A 154 15.11 -17.60 -19.06
N ALA A 155 16.42 -17.34 -18.95
CA ALA A 155 17.43 -18.38 -18.96
C ALA A 155 17.75 -18.57 -17.48
N GLY A 156 17.33 -19.67 -16.91
CA GLY A 156 17.55 -19.89 -15.51
C GLY A 156 16.25 -19.62 -14.76
N ARG A 157 16.36 -19.00 -13.59
CA ARG A 157 15.21 -18.72 -12.72
C ARG A 157 14.79 -17.27 -12.84
N ARG A 158 13.49 -17.03 -12.75
CA ARG A 158 12.94 -15.67 -12.91
C ARG A 158 13.21 -14.75 -11.74
N GLY A 159 13.38 -13.46 -12.01
CA GLY A 159 13.58 -12.50 -10.95
C GLY A 159 12.24 -11.87 -10.56
N VAL A 160 11.88 -12.02 -9.28
CA VAL A 160 10.59 -11.51 -8.85
C VAL A 160 10.66 -10.62 -7.59
N ALA A 161 9.76 -10.81 -6.62
CA ALA A 161 9.64 -9.93 -5.44
C ALA A 161 10.87 -9.73 -4.56
N ASN A 162 11.79 -10.69 -4.50
CA ASN A 162 12.98 -10.47 -3.67
C ASN A 162 13.76 -9.29 -4.19
N THR A 163 13.50 -8.93 -5.46
CA THR A 163 14.17 -7.74 -6.00
C THR A 163 13.89 -6.54 -5.10
N VAL A 164 12.66 -6.46 -4.58
CA VAL A 164 12.29 -5.32 -3.72
C VAL A 164 13.14 -5.31 -2.42
N LEU A 165 13.30 -6.49 -1.81
CA LEU A 165 14.06 -6.63 -0.57
C LEU A 165 15.53 -6.29 -0.79
N ILE A 166 16.07 -6.76 -1.91
CA ILE A 166 17.45 -6.46 -2.24
C ILE A 166 17.65 -4.96 -2.53
N GLU A 167 16.71 -4.36 -3.25
CA GLU A 167 16.79 -2.91 -3.46
C GLU A 167 16.86 -2.14 -2.13
N LYS A 168 16.07 -2.55 -1.14
CA LYS A 168 16.03 -1.82 0.11
C LYS A 168 17.37 -2.02 0.82
N LEU A 169 17.83 -3.26 0.85
CA LEU A 169 19.04 -3.58 1.64
C LEU A 169 20.31 -3.02 1.02
N VAL A 170 20.44 -3.16 -0.30
CA VAL A 170 21.60 -2.61 -0.97
C VAL A 170 21.44 -1.07 -0.92
N GLY A 171 20.19 -0.58 -1.01
CA GLY A 171 19.94 0.87 -0.93
C GLY A 171 20.49 1.46 0.34
N ALA A 172 20.24 0.76 1.46
CA ALA A 172 20.70 1.21 2.79
C ALA A 172 22.24 1.23 2.85
N ALA A 173 22.86 0.21 2.26
CA ALA A 173 24.32 0.11 2.28
C ALA A 173 24.91 1.25 1.45
N ALA A 174 24.32 1.52 0.29
CA ALA A 174 24.82 2.62 -0.55
C ALA A 174 24.68 3.95 0.19
N GLU A 175 23.51 4.15 0.83
CA GLU A 175 23.23 5.39 1.54
C GLU A 175 24.22 5.58 2.70
N ARG A 176 24.61 4.48 3.35
CA ARG A 176 25.55 4.65 4.43
C ARG A 176 26.99 4.93 3.94
N GLY A 177 27.24 4.69 2.65
CA GLY A 177 28.54 5.03 2.08
C GLY A 177 29.40 3.87 1.64
N ASP A 178 28.84 2.65 1.63
CA ASP A 178 29.64 1.50 1.20
C ASP A 178 30.07 1.69 -0.29
N SER A 179 31.18 1.08 -0.68
CA SER A 179 31.69 1.22 -2.04
C SER A 179 30.85 0.46 -3.05
N LEU A 180 31.13 0.66 -4.34
CA LEU A 180 30.36 -0.01 -5.37
C LEU A 180 30.55 -1.51 -5.18
N ASP A 181 31.81 -1.93 -4.98
CA ASP A 181 32.12 -3.34 -4.84
C ASP A 181 31.40 -3.97 -3.67
N ALA A 182 31.34 -3.22 -2.57
CA ALA A 182 30.71 -3.69 -1.35
C ALA A 182 29.20 -3.84 -1.59
N CYS A 183 28.61 -2.85 -2.28
CA CYS A 183 27.17 -2.92 -2.57
C CYS A 183 26.82 -4.08 -3.51
N ALA A 184 27.66 -4.28 -4.52
CA ALA A 184 27.50 -5.36 -5.49
C ALA A 184 27.63 -6.72 -4.81
N GLU A 185 28.69 -6.86 -4.02
CA GLU A 185 28.89 -8.12 -3.30
C GLU A 185 27.69 -8.45 -2.38
N LEU A 186 27.18 -7.45 -1.67
CA LEU A 186 26.03 -7.64 -0.77
C LEU A 186 24.80 -8.06 -1.60
N GLY A 187 24.58 -7.38 -2.72
CA GLY A 187 23.45 -7.73 -3.55
C GLY A 187 23.53 -9.17 -4.08
N ARG A 188 24.73 -9.60 -4.48
CA ARG A 188 24.85 -10.95 -5.02
C ARG A 188 24.66 -11.98 -3.90
N LYS A 189 25.16 -11.66 -2.72
CA LYS A 189 25.00 -12.59 -1.59
C LYS A 189 23.55 -12.70 -1.21
N LEU A 190 22.83 -11.56 -1.10
CA LEU A 190 21.38 -11.60 -0.80
C LEU A 190 20.60 -12.38 -1.85
N ASN A 191 21.02 -12.24 -3.11
CA ASN A 191 20.35 -12.94 -4.18
C ASN A 191 20.44 -14.45 -3.93
N ASN A 192 21.58 -14.90 -3.41
CA ASN A 192 21.72 -16.34 -3.13
C ASN A 192 20.97 -16.83 -1.92
N GLN A 193 20.33 -15.91 -1.18
CA GLN A 193 19.67 -16.29 0.08
C GLN A 193 18.17 -16.00 0.08
N GLY A 194 17.63 -15.58 -1.03
CA GLY A 194 16.21 -15.21 -1.06
C GLY A 194 15.47 -16.11 -2.04
N HIS A 195 14.27 -16.52 -1.66
CA HIS A 195 13.52 -17.54 -2.42
C HIS A 195 12.07 -17.13 -2.51
N SER A 196 11.51 -17.19 -3.72
CA SER A 196 10.14 -16.76 -3.90
C SER A 196 9.30 -17.73 -4.70
N ILE A 197 7.99 -17.67 -4.47
CA ILE A 197 7.05 -18.41 -5.31
C ILE A 197 5.70 -17.67 -5.31
N GLY A 198 5.02 -17.70 -6.44
CA GLY A 198 3.75 -17.01 -6.61
C GLY A 198 2.68 -17.93 -7.17
N ILE A 199 1.42 -17.59 -6.91
CA ILE A 199 0.28 -18.33 -7.46
C ILE A 199 -0.71 -17.31 -8.00
N ALA A 200 -1.50 -17.72 -9.00
CA ALA A 200 -2.58 -16.88 -9.56
C ALA A 200 -3.85 -17.67 -9.51
N LEU A 201 -4.92 -16.97 -9.16
CA LEU A 201 -6.27 -17.53 -9.16
C LEU A 201 -6.99 -17.00 -10.40
N GLY A 202 -6.38 -16.01 -11.04
CA GLY A 202 -6.92 -15.38 -12.23
C GLY A 202 -5.88 -14.49 -12.88
N ALA A 203 -5.81 -14.54 -14.22
CA ALA A 203 -4.82 -13.78 -14.99
C ALA A 203 -5.04 -12.25 -14.93
N CYS A 204 -4.06 -11.50 -15.44
CA CYS A 204 -4.18 -10.04 -15.45
C CYS A 204 -5.09 -9.53 -16.58
N LEU A 216 -9.09 -18.06 -15.05
CA LEU A 216 -9.00 -18.92 -16.28
C LEU A 216 -9.02 -20.42 -15.98
N ALA A 217 -10.01 -20.86 -15.21
CA ALA A 217 -10.17 -22.28 -14.90
C ALA A 217 -11.25 -22.62 -13.86
N ASP A 218 -11.60 -21.64 -13.03
CA ASP A 218 -12.62 -21.79 -11.99
C ASP A 218 -12.31 -22.83 -10.91
N ASN A 219 -11.90 -22.33 -9.74
CA ASN A 219 -11.49 -23.16 -8.60
C ASN A 219 -10.14 -23.87 -8.84
N GLU A 220 -9.39 -23.37 -9.81
CA GLU A 220 -8.07 -23.92 -10.13
C GLU A 220 -7.06 -22.77 -10.07
N MET A 221 -5.84 -23.08 -9.69
CA MET A 221 -4.80 -22.06 -9.65
C MET A 221 -3.66 -22.37 -10.57
N GLU A 222 -2.94 -21.33 -10.96
CA GLU A 222 -1.71 -21.48 -11.71
C GLU A 222 -0.64 -21.48 -10.62
N PHE A 223 0.01 -22.61 -10.41
CA PHE A 223 0.99 -22.73 -9.33
C PHE A 223 2.37 -22.42 -9.85
N GLY A 224 3.05 -21.44 -9.23
CA GLY A 224 4.39 -21.05 -9.66
C GLY A 224 4.36 -20.10 -10.84
N VAL A 225 3.34 -19.24 -10.87
CA VAL A 225 3.18 -18.26 -11.95
C VAL A 225 4.30 -17.19 -11.87
N GLY A 226 4.59 -16.57 -13.01
CA GLY A 226 5.59 -15.52 -13.15
C GLY A 226 4.90 -14.18 -13.24
N ILE A 227 5.66 -13.09 -12.98
CA ILE A 227 5.05 -11.72 -12.91
C ILE A 227 4.63 -11.12 -14.23
N HIS A 228 4.97 -11.88 -15.58
CA HIS A 228 4.44 -11.18 -16.66
C HIS A 228 3.45 -12.15 -17.26
N GLY A 229 3.00 -13.13 -16.45
CA GLY A 229 1.93 -14.01 -16.85
C GLY A 229 2.45 -15.38 -17.28
N GLU A 230 3.76 -15.59 -17.19
CA GLU A 230 4.34 -16.87 -17.60
C GLU A 230 3.71 -18.04 -16.85
N PRO A 231 3.62 -19.21 -17.51
CA PRO A 231 3.05 -20.40 -16.88
C PRO A 231 3.90 -20.85 -15.69
N GLY A 232 3.25 -21.54 -14.77
CA GLY A 232 3.90 -22.05 -13.60
C GLY A 232 4.28 -23.50 -13.70
N ILE A 233 4.49 -24.11 -12.56
CA ILE A 233 4.83 -25.51 -12.50
C ILE A 233 3.66 -26.25 -13.15
N ASP A 234 2.44 -25.87 -12.78
CA ASP A 234 1.25 -26.52 -13.30
C ASP A 234 0.00 -25.75 -12.94
N ARG A 235 -1.15 -26.30 -13.34
CA ARG A 235 -2.44 -25.80 -12.92
C ARG A 235 -2.95 -26.88 -11.98
N ARG A 236 -3.44 -26.47 -10.82
CA ARG A 236 -3.89 -27.40 -9.81
C ARG A 236 -5.05 -26.80 -9.06
N PRO A 237 -5.82 -27.64 -8.38
CA PRO A 237 -7.02 -27.17 -7.69
C PRO A 237 -6.71 -26.32 -6.48
N PHE A 238 -7.52 -25.29 -6.29
CA PHE A 238 -7.42 -24.45 -5.13
C PHE A 238 -8.44 -25.05 -4.18
N SER A 239 -8.01 -25.40 -2.97
CA SER A 239 -8.91 -25.97 -2.00
C SER A 239 -9.16 -24.93 -0.91
N SER A 240 -8.09 -24.27 -0.47
CA SER A 240 -8.21 -23.25 0.56
C SER A 240 -6.93 -22.41 0.59
N LEU A 241 -7.03 -21.27 1.27
CA LEU A 241 -5.87 -20.40 1.41
C LEU A 241 -4.75 -21.11 2.17
N ASP A 242 -5.08 -21.69 3.33
CA ASP A 242 -4.09 -22.37 4.14
C ASP A 242 -3.38 -23.49 3.39
N GLN A 243 -4.10 -24.25 2.56
CA GLN A 243 -3.51 -25.33 1.81
C GLN A 243 -2.62 -24.82 0.66
N THR A 244 -3.02 -23.72 0.07
CA THR A 244 -2.21 -23.10 -0.96
C THR A 244 -0.89 -22.61 -0.32
N VAL A 245 -0.99 -21.96 0.81
CA VAL A 245 0.24 -21.48 1.49
C VAL A 245 1.15 -22.68 1.85
N ASP A 246 0.54 -23.78 2.29
CA ASP A 246 1.36 -24.94 2.64
C ASP A 246 2.12 -25.46 1.43
N GLU A 247 1.48 -25.46 0.26
CA GLU A 247 2.12 -25.94 -0.94
C GLU A 247 3.23 -24.98 -1.35
N MET A 248 2.96 -23.68 -1.21
CA MET A 248 3.96 -22.69 -1.61
C MET A 248 5.15 -22.79 -0.67
N PHE A 249 4.88 -22.89 0.63
CA PHE A 249 5.94 -22.94 1.61
C PHE A 249 6.81 -24.20 1.45
N ASP A 250 6.14 -25.33 1.24
CA ASP A 250 6.85 -26.61 1.06
C ASP A 250 7.77 -26.47 -0.14
N THR A 251 7.26 -25.87 -1.22
CA THR A 251 8.08 -25.68 -2.42
C THR A 251 9.32 -24.80 -2.17
N LEU A 252 9.15 -23.74 -1.36
CA LEU A 252 10.29 -22.89 -1.00
C LEU A 252 11.35 -23.73 -0.24
N LEU A 253 10.92 -24.63 0.64
CA LEU A 253 11.87 -25.43 1.41
C LEU A 253 12.62 -26.48 0.57
N VAL A 254 11.95 -27.06 -0.43
CA VAL A 254 12.57 -28.16 -1.18
C VAL A 254 13.23 -27.77 -2.49
N ASN A 255 12.88 -26.61 -3.06
CA ASN A 255 13.49 -26.14 -4.31
C ASN A 255 14.61 -25.12 -4.06
N GLY A 256 15.04 -24.96 -2.81
CA GLY A 256 16.06 -23.98 -2.42
C GLY A 256 17.44 -24.16 -3.04
N SER A 257 17.90 -25.40 -3.12
CA SER A 257 19.21 -25.73 -3.65
C SER A 257 19.37 -25.36 -5.10
N TYR A 258 20.42 -24.60 -5.45
CA TYR A 258 20.50 -24.17 -6.85
C TYR A 258 21.92 -23.74 -7.17
N HIS A 259 22.45 -24.25 -8.28
CA HIS A 259 23.78 -23.87 -8.76
C HIS A 259 23.59 -23.38 -10.18
N ARG A 260 24.19 -22.22 -10.48
CA ARG A 260 24.07 -21.65 -11.82
C ARG A 260 25.07 -20.54 -12.05
N THR A 261 25.27 -20.21 -13.32
CA THR A 261 26.15 -19.12 -13.69
C THR A 261 25.36 -17.82 -13.84
N LEU A 262 25.92 -16.75 -13.29
CA LEU A 262 25.31 -15.44 -13.47
C LEU A 262 26.46 -14.52 -13.88
N ARG A 263 26.33 -13.86 -15.02
CA ARG A 263 27.41 -12.97 -15.46
C ARG A 263 27.30 -11.62 -14.76
N PHE A 264 28.45 -11.01 -14.45
CA PHE A 264 28.46 -9.66 -13.88
C PHE A 264 29.53 -8.87 -14.63
N TRP A 265 29.39 -7.55 -14.66
CA TRP A 265 30.38 -6.75 -15.37
C TRP A 265 31.59 -6.48 -14.51
N ASP A 266 32.77 -6.85 -14.98
CA ASP A 266 33.98 -6.56 -14.25
C ASP A 266 34.49 -5.26 -14.86
N TYR A 267 34.42 -4.18 -14.09
CA TYR A 267 34.79 -2.87 -14.64
C TYR A 267 36.29 -2.65 -14.80
N GLN A 268 37.09 -3.42 -14.06
CA GLN A 268 38.55 -3.33 -14.16
C GLN A 268 39.04 -3.94 -15.46
N GLN A 269 38.49 -5.09 -15.84
CA GLN A 269 38.83 -5.72 -17.10
C GLN A 269 37.95 -5.27 -18.26
N GLY A 270 36.81 -4.64 -17.96
CA GLY A 270 35.91 -4.19 -19.00
C GLY A 270 35.33 -5.36 -19.79
N SER A 271 34.82 -6.36 -19.08
CA SER A 271 34.27 -7.54 -19.73
C SER A 271 33.35 -8.27 -18.77
N TRP A 272 32.48 -9.09 -19.34
CA TRP A 272 31.53 -9.91 -18.57
C TRP A 272 32.26 -11.10 -17.97
N GLN A 273 32.04 -11.30 -16.67
CA GLN A 273 32.70 -12.36 -15.94
C GLN A 273 31.62 -13.38 -15.59
N GLU A 274 31.86 -14.63 -15.99
CA GLU A 274 30.93 -15.72 -15.70
C GLU A 274 31.27 -16.17 -14.28
N GLU A 275 30.27 -16.15 -13.41
CA GLU A 275 30.53 -16.53 -12.03
C GLU A 275 29.53 -17.59 -11.60
N GLN A 276 30.04 -18.72 -11.08
CA GLN A 276 29.17 -19.77 -10.58
C GLN A 276 28.65 -19.26 -9.23
N GLN A 277 27.36 -19.42 -8.99
CA GLN A 277 26.71 -18.89 -7.79
C GLN A 277 25.90 -20.06 -7.21
N THR A 278 25.90 -20.16 -5.89
CA THR A 278 25.22 -21.24 -5.20
C THR A 278 24.25 -20.77 -4.13
N LYS A 279 23.08 -21.41 -4.11
CA LYS A 279 22.08 -21.14 -3.12
C LYS A 279 21.97 -22.40 -2.29
N GLN A 280 21.85 -22.23 -0.99
CA GLN A 280 21.58 -23.34 -0.08
C GLN A 280 20.07 -23.31 0.16
N PRO A 281 19.46 -24.45 0.46
CA PRO A 281 18.06 -24.43 0.85
C PRO A 281 17.89 -23.71 2.18
N LEU A 282 16.68 -23.18 2.39
CA LEU A 282 16.31 -22.58 3.65
C LEU A 282 16.36 -23.72 4.64
N GLN A 283 16.83 -23.44 5.85
CA GLN A 283 16.98 -24.49 6.84
C GLN A 283 16.64 -24.10 8.27
N SER A 284 16.28 -25.10 9.06
CA SER A 284 16.03 -24.89 10.47
C SER A 284 17.15 -24.03 11.07
N GLY A 285 16.76 -23.00 11.81
CA GLY A 285 17.71 -22.10 12.43
C GLY A 285 17.93 -20.83 11.63
N ASP A 286 17.42 -20.77 10.40
CA ASP A 286 17.58 -19.55 9.60
C ASP A 286 16.63 -18.49 10.14
N ARG A 287 17.12 -17.24 10.12
CA ARG A 287 16.35 -16.05 10.46
C ARG A 287 16.00 -15.40 9.12
N VAL A 288 14.74 -15.01 8.93
CA VAL A 288 14.35 -14.50 7.61
C VAL A 288 13.53 -13.22 7.65
N ILE A 289 13.52 -12.50 6.51
CA ILE A 289 12.56 -11.41 6.34
C ILE A 289 11.48 -12.05 5.42
N ALA A 290 10.19 -11.88 5.74
CA ALA A 290 9.12 -12.45 4.89
C ALA A 290 8.38 -11.35 4.17
N LEU A 291 8.16 -11.56 2.88
CA LEU A 291 7.37 -10.61 2.10
C LEU A 291 6.18 -11.38 1.52
N VAL A 292 4.97 -11.01 1.96
CA VAL A 292 3.71 -11.55 1.43
C VAL A 292 3.22 -10.43 0.50
N ASN A 293 3.24 -10.73 -0.79
CA ASN A 293 3.09 -9.75 -1.85
C ASN A 293 1.87 -9.97 -2.67
N ASN A 294 1.06 -8.92 -2.83
CA ASN A 294 -0.13 -8.99 -3.67
C ASN A 294 0.28 -8.89 -5.14
N LEU A 295 -0.12 -9.84 -5.98
CA LEU A 295 0.22 -9.74 -7.40
C LEU A 295 -0.74 -8.74 -8.08
N GLY A 296 -1.75 -8.30 -7.36
CA GLY A 296 -2.62 -7.29 -7.97
C GLY A 296 -4.01 -7.09 -7.42
N ALA A 297 -4.79 -8.16 -7.36
CA ALA A 297 -6.18 -8.04 -6.95
C ALA A 297 -6.58 -8.90 -5.76
N THR A 298 -5.61 -9.28 -4.91
CA THR A 298 -5.94 -10.03 -3.72
C THR A 298 -6.25 -9.04 -2.60
N PRO A 299 -7.38 -9.23 -1.92
CA PRO A 299 -7.71 -8.37 -0.78
C PRO A 299 -6.63 -8.44 0.29
N LEU A 300 -6.29 -7.31 0.88
CA LEU A 300 -5.32 -7.28 1.96
C LEU A 300 -5.69 -8.22 3.14
N SER A 301 -6.98 -8.34 3.44
CA SER A 301 -7.44 -9.24 4.52
C SER A 301 -6.90 -10.68 4.25
N GLU A 302 -6.94 -11.09 2.99
CA GLU A 302 -6.46 -12.42 2.60
C GLU A 302 -4.96 -12.52 2.77
N LEU A 303 -4.22 -11.45 2.47
CA LEU A 303 -2.78 -11.51 2.65
C LEU A 303 -2.46 -11.68 4.12
N TYR A 304 -3.23 -11.06 5.02
CA TYR A 304 -3.00 -11.34 6.44
C TYR A 304 -3.27 -12.80 6.81
N GLY A 305 -4.30 -13.39 6.19
CA GLY A 305 -4.55 -14.83 6.40
C GLY A 305 -3.35 -15.67 5.96
N VAL A 306 -2.81 -15.33 4.81
CA VAL A 306 -1.59 -15.97 4.29
C VAL A 306 -0.48 -15.84 5.31
N TYR A 307 -0.28 -14.62 5.81
CA TYR A 307 0.82 -14.39 6.76
C TYR A 307 0.61 -15.22 8.00
N ASN A 308 -0.62 -15.34 8.45
CA ASN A 308 -0.87 -16.15 9.65
C ASN A 308 -0.39 -17.60 9.45
N ARG A 309 -0.73 -18.17 8.31
CA ARG A 309 -0.33 -19.59 8.04
C ARG A 309 1.17 -19.70 7.81
N LEU A 310 1.73 -18.71 7.10
CA LEU A 310 3.19 -18.68 6.92
C LEU A 310 3.97 -18.67 8.24
N THR A 311 3.54 -17.87 9.22
CA THR A 311 4.23 -17.83 10.52
C THR A 311 4.19 -19.21 11.19
N THR A 312 3.03 -19.85 11.11
CA THR A 312 2.89 -21.22 11.66
C THR A 312 3.89 -22.18 11.03
N ARG A 313 3.90 -22.27 9.70
CA ARG A 313 4.86 -23.14 8.99
C ARG A 313 6.35 -22.81 9.25
N CYS A 314 6.69 -21.52 9.28
CA CYS A 314 8.05 -21.15 9.60
C CYS A 314 8.44 -21.65 11.01
N GLN A 315 7.57 -21.38 11.99
CA GLN A 315 7.86 -21.82 13.36
C GLN A 315 8.05 -23.33 13.38
N GLN A 316 7.22 -24.06 12.66
CA GLN A 316 7.32 -25.53 12.71
C GLN A 316 8.64 -26.03 12.08
N ALA A 317 9.15 -25.28 11.09
CA ALA A 317 10.36 -25.64 10.35
C ALA A 317 11.64 -25.07 10.93
N GLY A 318 11.53 -24.35 12.05
CA GLY A 318 12.71 -23.76 12.67
C GLY A 318 13.18 -22.45 12.06
N LEU A 319 12.33 -21.78 11.28
CA LEU A 319 12.67 -20.48 10.67
C LEU A 319 12.11 -19.38 11.56
N THR A 320 12.91 -18.37 11.85
CA THR A 320 12.44 -17.25 12.66
C THR A 320 12.20 -16.06 11.75
N ILE A 321 10.94 -15.64 11.65
CA ILE A 321 10.65 -14.44 10.85
C ILE A 321 10.97 -13.25 11.72
N GLU A 322 11.98 -12.48 11.31
CA GLU A 322 12.46 -11.33 12.08
C GLU A 322 11.78 -10.02 11.69
N ARG A 323 11.46 -9.88 10.41
CA ARG A 323 10.74 -8.71 9.91
C ARG A 323 9.82 -9.13 8.76
N ASN A 324 8.80 -8.33 8.47
CA ASN A 324 7.91 -8.67 7.36
C ASN A 324 7.41 -7.44 6.62
N LEU A 325 6.97 -7.67 5.39
CA LEU A 325 6.28 -6.67 4.58
C LEU A 325 5.06 -7.43 4.01
N ILE A 326 3.88 -6.81 4.07
CA ILE A 326 2.65 -7.42 3.54
C ILE A 326 1.91 -6.35 2.78
N GLY A 327 1.73 -6.53 1.50
CA GLY A 327 1.03 -5.53 0.71
C GLY A 327 1.34 -5.75 -0.76
N ALA A 328 1.06 -4.74 -1.59
CA ALA A 328 1.31 -4.83 -3.02
C ALA A 328 2.68 -4.19 -3.33
N TYR A 329 3.73 -5.01 -3.50
CA TYR A 329 5.11 -4.49 -3.70
C TYR A 329 5.71 -4.84 -5.06
N CYS A 330 5.23 -5.91 -5.69
CA CYS A 330 5.77 -6.34 -7.00
C CYS A 330 4.57 -6.97 -7.68
N THR A 331 3.85 -6.19 -8.47
CA THR A 331 2.60 -6.71 -8.98
C THR A 331 2.68 -7.20 -10.42
N SER A 332 1.56 -7.60 -10.94
CA SER A 332 1.40 -8.03 -12.34
C SER A 332 0.02 -7.51 -12.73
N LEU A 333 -0.04 -6.24 -13.04
CA LEU A 333 -1.29 -5.55 -13.38
C LEU A 333 -2.37 -5.89 -12.37
N ASP A 334 -3.49 -6.45 -12.82
CA ASP A 334 -4.60 -6.77 -11.93
C ASP A 334 -4.76 -8.28 -11.69
N MET A 335 -3.67 -9.03 -11.79
CA MET A 335 -3.70 -10.47 -11.57
C MET A 335 -4.21 -10.73 -10.17
N THR A 336 -5.04 -11.76 -10.03
CA THR A 336 -5.51 -12.14 -8.71
C THR A 336 -4.55 -13.23 -8.25
N GLY A 337 -3.76 -12.95 -7.23
CA GLY A 337 -2.82 -13.95 -6.71
C GLY A 337 -1.83 -13.26 -5.81
N PHE A 338 -0.83 -14.01 -5.36
CA PHE A 338 0.11 -13.42 -4.40
C PHE A 338 1.35 -14.26 -4.41
N SER A 339 2.43 -13.70 -3.86
CA SER A 339 3.65 -14.47 -3.76
C SER A 339 4.16 -14.41 -2.34
N ILE A 340 5.03 -15.38 -2.02
CA ILE A 340 5.72 -15.40 -0.74
C ILE A 340 7.21 -15.40 -1.02
N THR A 341 7.93 -14.50 -0.34
CA THR A 341 9.38 -14.44 -0.45
C THR A 341 9.94 -14.57 0.96
N LEU A 342 10.95 -15.44 1.13
CA LEU A 342 11.68 -15.56 2.41
C LEU A 342 13.16 -15.28 2.10
N LEU A 343 13.75 -14.34 2.82
CA LEU A 343 15.12 -13.97 2.57
C LEU A 343 15.94 -14.21 3.85
N LYS A 344 16.95 -15.06 3.78
CA LYS A 344 17.78 -15.33 4.96
C LYS A 344 18.60 -14.11 5.31
N VAL A 345 18.70 -13.80 6.60
CA VAL A 345 19.40 -12.60 7.01
C VAL A 345 20.17 -12.85 8.29
N ASP A 346 21.04 -11.90 8.64
CA ASP A 346 21.81 -11.93 9.89
C ASP A 346 21.67 -10.56 10.55
N ASP A 347 22.38 -10.32 11.66
CA ASP A 347 22.26 -9.03 12.35
C ASP A 347 22.64 -7.82 11.46
N GLU A 348 23.69 -7.95 10.67
CA GLU A 348 24.15 -6.86 9.84
C GLU A 348 23.08 -6.51 8.79
N THR A 349 22.49 -7.53 8.20
CA THR A 349 21.44 -7.33 7.19
C THR A 349 20.18 -6.76 7.78
N LEU A 350 19.87 -7.16 9.02
CA LEU A 350 18.72 -6.60 9.73
C LEU A 350 18.99 -5.13 10.05
N ALA A 351 20.24 -4.79 10.37
CA ALA A 351 20.55 -3.38 10.59
C ALA A 351 20.29 -2.60 9.28
N LEU A 352 20.63 -3.18 8.13
CA LEU A 352 20.37 -2.50 6.83
C LEU A 352 18.85 -2.40 6.58
N TRP A 353 18.11 -3.42 7.03
CA TRP A 353 16.66 -3.36 6.87
C TRP A 353 16.07 -2.20 7.68
N ASP A 354 16.51 -2.10 8.93
CA ASP A 354 15.98 -1.10 9.86
C ASP A 354 16.41 0.31 9.54
N ALA A 355 17.42 0.45 8.69
CA ALA A 355 17.89 1.77 8.31
C ALA A 355 16.75 2.54 7.61
N PRO A 356 16.78 3.87 7.70
CA PRO A 356 15.78 4.75 7.09
C PRO A 356 15.63 4.53 5.59
N VAL A 357 14.40 4.71 5.13
CA VAL A 357 14.07 4.65 3.71
C VAL A 357 12.95 5.64 3.50
N HIS A 358 13.03 6.41 2.42
CA HIS A 358 12.04 7.42 2.11
C HIS A 358 11.66 7.36 0.63
N THR A 359 10.66 6.56 0.32
CA THR A 359 10.22 6.40 -1.06
C THR A 359 8.72 6.39 -1.06
N PRO A 360 8.12 6.56 -2.22
CA PRO A 360 6.66 6.49 -2.29
C PRO A 360 6.06 5.23 -1.66
N ALA A 361 6.64 4.07 -1.91
CA ALA A 361 6.05 2.81 -1.46
C ALA A 361 6.54 2.33 -0.11
N LEU A 362 7.75 2.76 0.31
CA LEU A 362 8.32 2.33 1.59
C LEU A 362 8.89 3.51 2.35
N ASN A 363 8.43 3.68 3.58
CA ASN A 363 8.92 4.80 4.35
C ASN A 363 9.01 4.47 5.85
N TRP A 364 10.22 4.59 6.37
CA TRP A 364 10.46 4.51 7.80
C TRP A 364 11.71 5.25 8.18
N GLY A 365 11.76 5.70 9.44
CA GLY A 365 12.89 6.46 9.94
C GLY A 365 13.64 5.59 10.92
N LYS A 366 14.69 6.16 11.50
CA LYS A 366 15.53 5.45 12.47
C LYS A 366 14.69 4.94 13.67
N ASP B 20 -12.02 -20.46 11.42
CA ASP B 20 -12.70 -19.20 10.97
C ASP B 20 -11.68 -18.28 10.26
N VAL B 21 -12.03 -17.83 9.05
CA VAL B 21 -11.11 -17.01 8.28
C VAL B 21 -10.81 -15.66 8.90
N LEU B 22 -11.84 -14.98 9.44
CA LEU B 22 -11.61 -13.67 10.04
C LEU B 22 -10.66 -13.83 11.20
N ASP B 23 -10.86 -14.89 11.97
CA ASP B 23 -9.97 -15.19 13.10
C ASP B 23 -8.53 -15.32 12.61
N GLU B 24 -8.37 -16.02 11.48
CA GLU B 24 -7.03 -16.22 10.90
C GLU B 24 -6.40 -14.89 10.44
N GLN B 25 -7.21 -14.08 9.76
CA GLN B 25 -6.75 -12.77 9.26
C GLN B 25 -6.37 -11.82 10.37
N LEU B 26 -7.13 -11.84 11.46
CA LEU B 26 -6.83 -10.97 12.60
C LEU B 26 -5.58 -11.47 13.32
N ALA B 27 -5.44 -12.79 13.47
CA ALA B 27 -4.21 -13.34 14.07
C ALA B 27 -3.00 -12.93 13.20
N GLY B 28 -3.18 -12.94 11.88
CA GLY B 28 -2.09 -12.59 10.98
C GLY B 28 -1.70 -11.12 11.15
N LEU B 29 -2.72 -10.26 11.25
CA LEU B 29 -2.44 -8.84 11.46
C LEU B 29 -1.62 -8.64 12.74
N ALA B 30 -2.04 -9.29 13.82
CA ALA B 30 -1.37 -9.20 15.12
C ALA B 30 0.07 -9.74 15.10
N LYS B 31 0.27 -10.89 14.48
CA LYS B 31 1.62 -11.45 14.36
C LYS B 31 2.51 -10.50 13.52
N ALA B 32 1.93 -9.85 12.52
CA ALA B 32 2.73 -8.96 11.66
C ALA B 32 3.14 -7.65 12.30
N HIS B 33 2.38 -7.23 13.31
CA HIS B 33 2.61 -5.91 13.88
C HIS B 33 2.63 -5.90 15.39
N PRO B 34 3.83 -6.01 15.90
CA PRO B 34 4.11 -6.00 17.35
C PRO B 34 3.55 -4.70 17.99
N SER B 35 3.39 -3.65 17.20
CA SER B 35 2.81 -2.40 17.74
C SER B 35 1.31 -2.49 18.04
N LEU B 36 0.69 -3.62 17.69
CA LEU B 36 -0.76 -3.83 17.93
C LEU B 36 -0.97 -4.98 18.90
N THR B 37 -2.08 -4.93 19.63
CA THR B 37 -2.50 -6.01 20.49
C THR B 37 -3.91 -6.49 20.08
N LEU B 38 -4.02 -7.78 19.79
CA LEU B 38 -5.33 -8.34 19.46
C LEU B 38 -5.95 -8.90 20.71
N HIS B 39 -7.16 -8.44 21.03
CA HIS B 39 -7.85 -8.92 22.23
C HIS B 39 -8.90 -9.95 21.87
N GLN B 40 -9.26 -10.82 22.82
CA GLN B 40 -10.27 -11.86 22.57
C GLN B 40 -11.33 -11.73 23.69
N ASP B 41 -12.57 -12.09 23.38
CA ASP B 41 -13.63 -12.06 24.41
C ASP B 41 -13.89 -10.70 25.08
N PRO B 42 -14.30 -9.69 24.32
CA PRO B 42 -14.55 -9.80 22.88
C PRO B 42 -13.35 -9.34 22.02
N VAL B 43 -13.45 -9.62 20.72
CA VAL B 43 -12.42 -9.26 19.75
C VAL B 43 -12.40 -7.77 19.41
N TYR B 44 -11.22 -7.17 19.50
CA TYR B 44 -10.91 -5.80 19.06
C TYR B 44 -9.40 -5.67 19.01
N VAL B 45 -8.91 -4.56 18.45
CA VAL B 45 -7.46 -4.37 18.32
C VAL B 45 -7.08 -3.01 18.89
N THR B 46 -5.98 -2.95 19.63
CA THR B 46 -5.55 -1.64 20.14
C THR B 46 -4.06 -1.46 19.88
N ARG B 47 -3.56 -0.25 20.12
CA ARG B 47 -2.13 0.01 20.13
C ARG B 47 -1.59 -0.81 21.31
N ALA B 48 -0.42 -1.40 21.12
CA ALA B 48 0.16 -2.25 22.19
C ALA B 48 0.41 -1.41 23.42
N ASP B 49 0.65 -0.11 23.21
CA ASP B 49 0.91 0.77 24.34
C ASP B 49 -0.32 1.44 24.97
N ALA B 50 -1.52 1.12 24.51
CA ALA B 50 -2.70 1.71 25.12
C ALA B 50 -2.98 0.97 26.41
N PRO B 51 -3.57 1.63 27.39
CA PRO B 51 -3.97 3.04 27.32
C PRO B 51 -2.84 4.01 27.48
N VAL B 52 -2.86 5.04 26.66
CA VAL B 52 -1.87 6.10 26.76
C VAL B 52 -2.49 7.19 27.63
N ALA B 53 -1.93 7.33 28.82
CA ALA B 53 -2.42 8.30 29.78
C ALA B 53 -2.33 9.77 29.32
N GLY B 54 -3.41 10.52 29.57
CA GLY B 54 -3.39 11.95 29.37
C GLY B 54 -3.71 12.45 27.99
N LYS B 55 -4.06 11.55 27.07
CA LYS B 55 -4.40 11.97 25.72
C LYS B 55 -5.78 11.44 25.39
N VAL B 56 -6.51 12.21 24.60
CA VAL B 56 -7.78 11.74 24.06
C VAL B 56 -7.54 10.43 23.29
N ALA B 57 -8.37 9.41 23.51
CA ALA B 57 -8.27 8.15 22.77
C ALA B 57 -9.22 8.17 21.59
N LEU B 58 -8.77 7.71 20.42
CA LEU B 58 -9.57 7.74 19.20
C LEU B 58 -9.90 6.32 18.71
N LEU B 59 -11.17 6.05 18.45
CA LEU B 59 -11.57 4.71 18.03
C LEU B 59 -12.51 4.77 16.83
N SER B 60 -12.45 3.74 16.01
CA SER B 60 -13.47 3.59 14.98
C SER B 60 -13.66 2.08 14.77
N GLY B 61 -14.39 1.70 13.73
CA GLY B 61 -14.69 0.30 13.50
C GLY B 61 -15.75 0.21 12.43
N GLY B 62 -16.11 -1.01 12.10
CA GLY B 62 -17.06 -1.28 11.06
C GLY B 62 -16.81 -2.68 10.53
N GLY B 63 -17.44 -2.99 9.43
CA GLY B 63 -17.30 -4.34 8.89
C GLY B 63 -15.88 -4.62 8.47
N SER B 64 -15.52 -5.89 8.43
CA SER B 64 -14.26 -6.30 7.82
C SER B 64 -14.51 -6.19 6.32
N GLY B 65 -13.50 -6.28 5.47
CA GLY B 65 -13.69 -6.13 4.03
C GLY B 65 -13.27 -4.76 3.46
N HIS B 66 -12.80 -3.87 4.32
CA HIS B 66 -12.34 -2.52 3.91
C HIS B 66 -10.86 -2.26 4.22
N GLU B 67 -10.16 -3.33 4.62
CA GLU B 67 -8.76 -3.25 5.02
C GLU B 67 -7.99 -2.46 3.97
N PRO B 68 -7.09 -1.57 4.38
CA PRO B 68 -6.66 -1.39 5.80
C PRO B 68 -7.59 -0.60 6.73
N MET B 69 -8.67 -0.04 6.23
CA MET B 69 -9.57 0.62 7.18
C MET B 69 -10.30 -0.45 8.03
N HIS B 70 -10.28 -0.40 9.37
CA HIS B 70 -9.66 0.64 10.18
C HIS B 70 -8.43 0.13 10.92
N CYS B 71 -8.17 -1.17 10.92
CA CYS B 71 -7.09 -1.71 11.73
C CYS B 71 -5.69 -1.26 11.33
N GLY B 72 -5.52 -0.96 10.04
CA GLY B 72 -4.22 -0.48 9.57
C GLY B 72 -3.95 0.95 9.93
N TYR B 73 -4.89 1.61 10.62
CA TYR B 73 -4.73 3.00 11.04
C TYR B 73 -4.53 3.10 12.56
N ILE B 74 -4.24 1.95 13.19
CA ILE B 74 -3.97 1.96 14.63
C ILE B 74 -2.49 2.22 14.86
N GLY B 75 -2.21 3.28 15.60
CA GLY B 75 -0.85 3.65 15.93
C GLY B 75 -0.69 5.13 16.30
N GLN B 76 0.53 5.50 16.66
CA GLN B 76 0.84 6.87 17.05
C GLN B 76 0.36 7.85 15.98
N GLY B 77 -0.30 8.93 16.42
CA GLY B 77 -0.81 9.96 15.51
C GLY B 77 -2.11 9.57 14.84
N MET B 78 -2.70 8.42 15.21
CA MET B 78 -3.93 8.04 14.54
C MET B 78 -4.85 7.32 15.52
N LEU B 79 -5.44 6.18 15.14
CA LEU B 79 -6.37 5.47 16.06
C LEU B 79 -5.68 4.86 17.27
N SER B 80 -6.37 4.88 18.41
CA SER B 80 -5.88 4.18 19.59
C SER B 80 -6.30 2.70 19.47
N GLY B 81 -7.37 2.44 18.73
CA GLY B 81 -7.85 1.07 18.53
C GLY B 81 -8.97 1.02 17.51
N ALA B 82 -9.40 -0.18 17.12
CA ALA B 82 -10.47 -0.28 16.14
C ALA B 82 -11.22 -1.58 16.42
N CYS B 83 -12.48 -1.61 15.99
CA CYS B 83 -13.37 -2.73 16.23
C CYS B 83 -13.90 -3.29 14.92
N PRO B 84 -13.21 -4.28 14.38
CA PRO B 84 -13.67 -4.90 13.13
C PRO B 84 -14.87 -5.81 13.42
N GLY B 85 -15.84 -5.85 12.51
CA GLY B 85 -16.98 -6.73 12.63
C GLY B 85 -16.78 -7.86 11.62
N GLU B 86 -17.87 -8.58 11.34
CA GLU B 86 -17.84 -9.63 10.33
C GLU B 86 -17.78 -8.89 9.00
N ILE B 87 -17.57 -9.60 7.89
CA ILE B 87 -17.52 -8.94 6.57
C ILE B 87 -18.74 -8.03 6.35
N PHE B 88 -18.49 -6.77 5.98
CA PHE B 88 -19.52 -5.76 5.73
C PHE B 88 -20.60 -5.64 6.82
N THR B 89 -20.24 -5.88 8.07
CA THR B 89 -21.22 -5.83 9.14
C THR B 89 -20.66 -5.10 10.36
N SER B 90 -21.40 -4.11 10.90
CA SER B 90 -20.90 -3.39 12.08
C SER B 90 -20.51 -4.32 13.23
N PRO B 91 -19.50 -3.97 14.03
CA PRO B 91 -19.19 -4.77 15.22
C PRO B 91 -20.36 -4.61 16.21
N THR B 92 -20.50 -5.54 17.14
CA THR B 92 -21.54 -5.43 18.17
C THR B 92 -21.09 -4.44 19.24
N PRO B 93 -22.06 -3.90 19.99
CA PRO B 93 -21.74 -2.88 20.99
C PRO B 93 -20.73 -3.33 22.08
N ASP B 94 -20.71 -4.62 22.43
CA ASP B 94 -19.71 -5.06 23.44
C ASP B 94 -18.27 -4.88 22.99
N LYS B 95 -18.03 -5.06 21.69
CA LYS B 95 -16.66 -4.90 21.14
C LYS B 95 -16.22 -3.44 21.24
N ILE B 96 -17.13 -2.54 20.92
CA ILE B 96 -16.83 -1.12 20.94
C ILE B 96 -16.60 -0.66 22.36
N PHE B 97 -17.51 -1.04 23.25
CA PHE B 97 -17.39 -0.68 24.65
C PHE B 97 -16.08 -1.15 25.28
N GLU B 98 -15.73 -2.41 25.06
CA GLU B 98 -14.53 -2.96 25.69
C GLU B 98 -13.29 -2.33 25.07
N CYS B 99 -13.34 -2.07 23.78
CA CYS B 99 -12.17 -1.43 23.16
C CYS B 99 -11.99 -0.03 23.74
N ALA B 100 -13.07 0.73 23.87
CA ALA B 100 -12.98 2.08 24.47
C ALA B 100 -12.43 2.03 25.89
N MET B 101 -12.89 1.08 26.70
CA MET B 101 -12.41 0.97 28.07
C MET B 101 -10.93 0.63 28.08
N GLN B 102 -10.50 -0.21 27.13
CA GLN B 102 -9.08 -0.60 27.12
C GLN B 102 -8.19 0.62 26.80
N VAL B 103 -8.60 1.46 25.85
CA VAL B 103 -7.77 2.60 25.42
C VAL B 103 -7.97 3.91 26.18
N ASP B 104 -9.03 3.96 27.00
CA ASP B 104 -9.36 5.17 27.76
C ASP B 104 -8.13 5.68 28.52
N GLY B 105 -7.69 6.90 28.23
CA GLY B 105 -6.53 7.49 28.90
C GLY B 105 -6.91 8.57 29.91
N GLY B 106 -8.19 8.61 30.30
CA GLY B 106 -8.65 9.55 31.30
C GLY B 106 -9.04 10.91 30.76
N GLU B 107 -8.90 11.11 29.45
CA GLU B 107 -9.25 12.40 28.88
C GLU B 107 -10.38 12.28 27.87
N GLY B 108 -11.10 11.17 27.91
CA GLY B 108 -12.20 10.98 26.98
C GLY B 108 -11.85 10.06 25.81
N VAL B 109 -12.89 9.50 25.21
CA VAL B 109 -12.74 8.62 24.04
C VAL B 109 -13.59 9.27 22.96
N LEU B 110 -13.03 9.42 21.75
CA LEU B 110 -13.78 10.01 20.63
C LEU B 110 -14.09 8.86 19.67
N LEU B 111 -15.34 8.68 19.32
CA LEU B 111 -15.69 7.61 18.41
C LEU B 111 -16.01 8.17 17.03
N ILE B 112 -15.30 7.68 16.02
CA ILE B 112 -15.58 8.08 14.63
C ILE B 112 -16.48 7.00 14.04
N ILE B 113 -17.66 7.40 13.58
CA ILE B 113 -18.66 6.45 13.09
C ILE B 113 -19.02 6.73 11.65
N LYS B 114 -18.89 5.73 10.77
CA LYS B 114 -19.27 5.93 9.37
C LYS B 114 -20.81 5.89 9.33
N ASN B 115 -21.41 6.70 8.46
CA ASN B 115 -22.88 6.79 8.43
C ASN B 115 -23.62 5.65 7.72
N TYR B 116 -23.93 4.60 8.47
CA TYR B 116 -24.68 3.41 8.01
C TYR B 116 -25.58 3.02 9.16
N THR B 117 -26.75 2.50 8.82
CA THR B 117 -27.71 2.13 9.85
C THR B 117 -27.11 1.31 11.00
N GLY B 118 -26.45 0.23 10.65
CA GLY B 118 -25.85 -0.66 11.63
C GLY B 118 -24.76 -0.01 12.46
N ASP B 119 -23.81 0.68 11.82
CA ASP B 119 -22.74 1.34 12.57
C ASP B 119 -23.33 2.38 13.52
N ILE B 120 -24.27 3.19 13.03
CA ILE B 120 -24.82 4.22 13.92
C ILE B 120 -25.49 3.55 15.12
N LEU B 121 -26.27 2.51 14.86
CA LEU B 121 -26.98 1.87 15.97
C LEU B 121 -25.99 1.29 17.00
N ASN B 122 -25.02 0.53 16.52
CA ASN B 122 -24.07 -0.09 17.42
C ASN B 122 -23.13 0.86 18.14
N PHE B 123 -22.60 1.85 17.44
CA PHE B 123 -21.72 2.80 18.11
C PHE B 123 -22.52 3.69 19.07
N GLU B 124 -23.77 3.99 18.71
CA GLU B 124 -24.57 4.83 19.58
C GLU B 124 -24.91 4.05 20.84
N THR B 125 -25.17 2.75 20.71
CA THR B 125 -25.48 1.93 21.88
C THR B 125 -24.25 1.84 22.78
N ALA B 126 -23.10 1.63 22.17
CA ALA B 126 -21.86 1.56 22.95
C ALA B 126 -21.59 2.91 23.66
N THR B 127 -21.92 3.99 22.99
CA THR B 127 -21.71 5.34 23.57
C THR B 127 -22.49 5.49 24.87
N GLU B 128 -23.74 5.04 24.86
CA GLU B 128 -24.57 5.14 26.06
C GLU B 128 -24.03 4.26 27.18
N LEU B 129 -23.60 3.05 26.84
CA LEU B 129 -23.03 2.13 27.84
C LEU B 129 -21.75 2.75 28.45
N LEU B 130 -20.88 3.30 27.61
CA LEU B 130 -19.68 3.96 28.10
C LEU B 130 -20.07 5.09 29.06
N HIS B 131 -20.98 5.97 28.62
CA HIS B 131 -21.40 7.09 29.46
C HIS B 131 -21.94 6.55 30.75
N ASP B 132 -22.81 5.56 30.64
CA ASP B 132 -23.38 5.00 31.84
C ASP B 132 -22.35 4.35 32.77
N SER B 133 -21.18 4.01 32.21
CA SER B 133 -20.10 3.44 32.99
C SER B 133 -19.08 4.51 33.45
N GLY B 134 -19.42 5.78 33.30
CA GLY B 134 -18.51 6.83 33.73
C GLY B 134 -17.44 7.33 32.78
N VAL B 135 -17.43 6.83 31.54
CA VAL B 135 -16.44 7.24 30.57
C VAL B 135 -16.96 8.43 29.78
N LYS B 136 -16.13 9.48 29.73
CA LYS B 136 -16.41 10.70 28.97
C LYS B 136 -16.19 10.35 27.51
N VAL B 137 -17.27 10.47 26.72
CA VAL B 137 -17.18 10.08 25.32
C VAL B 137 -17.97 11.03 24.46
N THR B 138 -17.54 11.17 23.21
CA THR B 138 -18.38 11.85 22.22
C THR B 138 -18.15 11.25 20.84
N THR B 139 -18.86 11.76 19.83
CA THR B 139 -18.87 11.12 18.54
C THR B 139 -18.68 12.07 17.37
N VAL B 140 -18.24 11.50 16.26
CA VAL B 140 -18.22 12.24 15.00
C VAL B 140 -18.80 11.29 13.95
N VAL B 141 -19.79 11.75 13.21
CA VAL B 141 -20.37 10.93 12.15
C VAL B 141 -19.80 11.36 10.79
N ILE B 142 -19.41 10.39 9.95
CA ILE B 142 -18.83 10.69 8.62
C ILE B 142 -19.85 10.37 7.54
N ASP B 143 -20.17 11.38 6.72
CA ASP B 143 -21.17 11.22 5.66
C ASP B 143 -20.74 11.88 4.34
N ASP B 144 -19.51 11.56 3.93
CA ASP B 144 -18.86 12.18 2.76
C ASP B 144 -19.24 11.77 1.36
N ASP B 145 -19.86 10.61 1.19
CA ASP B 145 -20.19 10.09 -0.15
C ASP B 145 -21.29 10.99 -0.73
N VAL B 146 -20.99 11.73 -1.80
CA VAL B 146 -21.99 12.67 -2.36
C VAL B 146 -23.00 11.99 -3.30
N ALA B 147 -22.83 10.69 -3.58
CA ALA B 147 -23.63 10.05 -4.63
C ALA B 147 -25.12 9.82 -4.41
N VAL B 148 -25.48 9.25 -3.26
CA VAL B 148 -26.87 8.88 -3.03
C VAL B 148 -27.30 9.27 -1.63
N LYS B 149 -28.49 9.87 -1.51
CA LYS B 149 -29.00 10.22 -0.18
C LYS B 149 -30.06 9.16 0.16
N ASP B 150 -29.89 8.49 1.28
CA ASP B 150 -30.82 7.43 1.70
C ASP B 150 -30.62 6.16 0.89
N SER B 151 -29.44 5.60 1.00
CA SER B 151 -29.11 4.37 0.31
C SER B 151 -29.86 3.25 1.01
N LEU B 152 -29.52 2.02 0.67
CA LEU B 152 -30.17 0.86 1.27
C LEU B 152 -29.92 0.80 2.77
N TYR B 153 -28.67 0.99 3.15
CA TYR B 153 -28.30 0.88 4.56
C TYR B 153 -27.88 2.18 5.23
N THR B 154 -28.39 3.32 4.74
CA THR B 154 -28.00 4.60 5.34
C THR B 154 -29.13 5.64 5.31
N ALA B 155 -29.25 6.39 6.41
CA ALA B 155 -30.17 7.52 6.48
C ALA B 155 -29.23 8.69 6.23
N GLY B 156 -29.37 9.35 5.08
CA GLY B 156 -28.46 10.46 4.79
C GLY B 156 -27.43 9.98 3.76
N ARG B 157 -26.19 10.47 3.87
CA ARG B 157 -25.16 10.10 2.89
C ARG B 157 -24.19 9.13 3.54
N ARG B 158 -23.65 8.23 2.74
CA ARG B 158 -22.77 7.17 3.24
C ARG B 158 -21.40 7.67 3.71
N GLY B 159 -20.81 7.00 4.70
CA GLY B 159 -19.49 7.37 5.18
C GLY B 159 -18.48 6.50 4.45
N VAL B 160 -17.56 7.14 3.74
CA VAL B 160 -16.59 6.39 2.95
C VAL B 160 -15.12 6.83 3.15
N ALA B 161 -14.35 6.95 2.07
CA ALA B 161 -12.91 7.16 2.25
C ALA B 161 -12.43 8.40 3.03
N ASN B 162 -13.22 9.47 3.09
CA ASN B 162 -12.78 10.64 3.85
C ASN B 162 -12.63 10.26 5.32
N THR B 163 -13.22 9.14 5.71
CA THR B 163 -13.09 8.71 7.10
C THR B 163 -11.59 8.56 7.41
N VAL B 164 -10.83 8.09 6.41
CA VAL B 164 -9.40 7.86 6.61
C VAL B 164 -8.67 9.19 6.86
N LEU B 165 -8.96 10.20 6.04
CA LEU B 165 -8.30 11.52 6.18
C LEU B 165 -8.67 12.12 7.54
N ILE B 166 -9.93 11.98 7.93
CA ILE B 166 -10.34 12.51 9.23
C ILE B 166 -9.65 11.80 10.41
N GLU B 167 -9.49 10.47 10.32
CA GLU B 167 -8.81 9.75 11.42
C GLU B 167 -7.38 10.26 11.52
N LYS B 168 -6.75 10.56 10.39
CA LYS B 168 -5.36 10.99 10.43
C LYS B 168 -5.31 12.39 11.07
N LEU B 169 -6.18 13.29 10.60
CA LEU B 169 -6.13 14.69 11.08
C LEU B 169 -6.55 14.81 12.56
N VAL B 170 -7.67 14.21 12.92
CA VAL B 170 -8.10 14.25 14.30
C VAL B 170 -7.08 13.42 15.14
N GLY B 171 -6.52 12.37 14.56
CA GLY B 171 -5.49 11.58 15.24
C GLY B 171 -4.28 12.44 15.59
N ALA B 172 -3.85 13.30 14.68
CA ALA B 172 -2.76 14.24 14.98
C ALA B 172 -3.16 15.23 16.11
N ALA B 173 -4.40 15.74 16.06
CA ALA B 173 -4.84 16.67 17.07
C ALA B 173 -4.81 15.96 18.45
N ALA B 174 -5.33 14.74 18.53
CA ALA B 174 -5.36 14.03 19.82
C ALA B 174 -3.95 13.73 20.33
N GLU B 175 -3.09 13.30 19.40
CA GLU B 175 -1.71 12.93 19.68
C GLU B 175 -0.94 14.07 20.33
N ARG B 176 -1.17 15.30 19.89
CA ARG B 176 -0.45 16.45 20.35
C ARG B 176 -1.07 16.95 21.71
N GLY B 177 -2.21 16.42 22.11
CA GLY B 177 -2.77 16.77 23.41
C GLY B 177 -4.05 17.57 23.36
N ASP B 178 -4.63 17.79 22.17
CA ASP B 178 -5.88 18.57 22.13
C ASP B 178 -6.98 17.91 22.96
N SER B 179 -7.89 18.74 23.48
CA SER B 179 -8.98 18.27 24.31
C SER B 179 -9.99 17.43 23.50
N LEU B 180 -10.82 16.68 24.22
CA LEU B 180 -11.87 15.89 23.57
C LEU B 180 -12.74 16.82 22.75
N ASP B 181 -13.19 17.92 23.35
CA ASP B 181 -14.03 18.86 22.62
C ASP B 181 -13.35 19.40 21.39
N ALA B 182 -12.05 19.69 21.50
CA ALA B 182 -11.37 20.25 20.34
C ALA B 182 -11.25 19.21 19.25
N CYS B 183 -10.98 17.95 19.63
CA CYS B 183 -10.83 16.88 18.63
C CYS B 183 -12.17 16.59 17.95
N ALA B 184 -13.26 16.60 18.72
CA ALA B 184 -14.61 16.40 18.19
C ALA B 184 -15.01 17.52 17.22
N GLU B 185 -14.79 18.77 17.64
CA GLU B 185 -15.11 19.92 16.79
C GLU B 185 -14.34 19.87 15.46
N LEU B 186 -13.08 19.55 15.54
CA LEU B 186 -12.24 19.37 14.35
C LEU B 186 -12.82 18.26 13.42
N GLY B 187 -13.14 17.12 14.00
CA GLY B 187 -13.70 16.02 13.19
C GLY B 187 -15.00 16.45 12.51
N ARG B 188 -15.88 17.10 13.25
CA ARG B 188 -17.15 17.56 12.67
C ARG B 188 -16.91 18.59 11.57
N LYS B 189 -15.99 19.53 11.78
CA LYS B 189 -15.69 20.56 10.79
C LYS B 189 -15.14 19.88 9.55
N LEU B 190 -14.15 18.98 9.72
CA LEU B 190 -13.58 18.30 8.56
C LEU B 190 -14.65 17.50 7.81
N ASN B 191 -15.56 16.89 8.55
CA ASN B 191 -16.61 16.10 7.86
C ASN B 191 -17.44 16.98 6.92
N ASN B 192 -17.63 18.24 7.30
CA ASN B 192 -18.39 19.13 6.44
C ASN B 192 -17.58 19.68 5.27
N GLN B 193 -16.32 19.27 5.14
CA GLN B 193 -15.45 19.85 4.12
C GLN B 193 -14.85 18.79 3.18
N GLY B 194 -15.22 17.53 3.37
CA GLY B 194 -14.69 16.41 2.59
C GLY B 194 -15.80 15.81 1.74
N HIS B 195 -15.48 15.48 0.48
CA HIS B 195 -16.49 15.00 -0.48
C HIS B 195 -15.91 13.83 -1.27
N SER B 196 -16.68 12.75 -1.42
CA SER B 196 -16.14 11.59 -2.09
C SER B 196 -17.13 10.98 -3.06
N ILE B 197 -16.59 10.25 -4.03
CA ILE B 197 -17.43 9.48 -4.95
C ILE B 197 -16.64 8.30 -5.45
N GLY B 198 -17.30 7.16 -5.62
CA GLY B 198 -16.68 5.93 -6.07
C GLY B 198 -17.38 5.33 -7.27
N ILE B 199 -16.64 4.54 -8.06
CA ILE B 199 -17.20 3.85 -9.20
C ILE B 199 -16.69 2.41 -9.16
N ALA B 200 -17.45 1.48 -9.72
CA ALA B 200 -17.07 0.07 -9.84
C ALA B 200 -17.19 -0.38 -11.27
N LEU B 201 -16.23 -1.17 -11.70
CA LEU B 201 -16.25 -1.76 -13.03
C LEU B 201 -16.60 -3.23 -12.87
N GLY B 202 -16.52 -3.70 -11.63
CA GLY B 202 -16.85 -5.07 -11.30
C GLY B 202 -17.08 -5.17 -9.80
N ALA B 203 -18.09 -5.94 -9.40
CA ALA B 203 -18.41 -6.09 -7.99
C ALA B 203 -17.43 -7.01 -7.27
N CYS B 204 -17.46 -6.98 -5.94
CA CYS B 204 -16.61 -7.86 -5.12
C CYS B 204 -17.19 -9.28 -5.12
N LEU B 216 -20.62 -6.57 -13.43
CA LEU B 216 -22.00 -7.01 -13.78
C LEU B 216 -22.65 -6.13 -14.85
N ALA B 217 -22.19 -6.25 -16.10
CA ALA B 217 -22.75 -5.51 -17.23
C ALA B 217 -21.91 -5.49 -18.52
N ASP B 218 -20.58 -5.52 -18.36
CA ASP B 218 -19.64 -5.50 -19.50
C ASP B 218 -19.54 -4.13 -20.20
N ASN B 219 -18.43 -3.43 -19.98
CA ASN B 219 -18.22 -2.08 -20.54
C ASN B 219 -19.16 -1.04 -19.90
N GLU B 220 -19.70 -1.39 -18.74
CA GLU B 220 -20.59 -0.50 -18.02
C GLU B 220 -20.00 -0.35 -16.61
N MET B 221 -20.32 0.73 -15.94
CA MET B 221 -19.87 0.90 -14.57
C MET B 221 -21.03 1.24 -13.67
N GLU B 222 -20.87 0.93 -12.40
CA GLU B 222 -21.83 1.33 -11.39
C GLU B 222 -21.26 2.67 -10.93
N PHE B 223 -21.99 3.75 -11.20
CA PHE B 223 -21.52 5.09 -10.89
C PHE B 223 -22.06 5.54 -9.53
N GLY B 224 -21.16 5.88 -8.60
CA GLY B 224 -21.58 6.35 -7.28
C GLY B 224 -21.82 5.16 -6.36
N VAL B 225 -21.05 4.10 -6.57
CA VAL B 225 -21.14 2.87 -5.78
C VAL B 225 -20.72 3.11 -4.33
N GLY B 226 -21.28 2.29 -3.43
CA GLY B 226 -20.97 2.33 -2.01
C GLY B 226 -19.97 1.22 -1.64
N ILE B 227 -19.31 1.37 -0.45
CA ILE B 227 -18.21 0.44 -0.07
C ILE B 227 -18.67 -0.95 0.39
N HIS B 228 -20.39 -1.21 0.40
CA HIS B 228 -20.45 -2.51 0.81
C HIS B 228 -21.10 -3.15 -0.39
N GLY B 229 -21.08 -2.45 -1.53
CA GLY B 229 -21.69 -2.97 -2.71
C GLY B 229 -22.99 -2.28 -3.05
N GLU B 230 -23.43 -1.34 -2.20
CA GLU B 230 -24.68 -0.63 -2.44
C GLU B 230 -24.73 -0.04 -3.86
N PRO B 231 -25.92 -0.01 -4.47
CA PRO B 231 -26.07 0.60 -5.80
C PRO B 231 -25.72 2.09 -5.78
N GLY B 232 -25.37 2.61 -6.94
CA GLY B 232 -25.00 3.99 -7.06
C GLY B 232 -26.11 4.83 -7.64
N ILE B 233 -25.72 5.92 -8.26
CA ILE B 233 -26.62 6.81 -8.93
C ILE B 233 -27.27 6.00 -10.06
N ASP B 234 -26.43 5.31 -10.85
CA ASP B 234 -26.91 4.53 -11.99
C ASP B 234 -25.83 3.60 -12.55
N ARG B 235 -26.16 2.88 -13.62
CA ARG B 235 -25.20 2.07 -14.35
C ARG B 235 -25.07 2.84 -15.65
N ARG B 236 -23.85 3.02 -16.13
CA ARG B 236 -23.64 3.79 -17.33
C ARG B 236 -22.42 3.25 -18.06
N PRO B 237 -22.27 3.61 -19.31
CA PRO B 237 -21.14 3.09 -20.09
C PRO B 237 -19.79 3.60 -19.58
N PHE B 238 -18.80 2.73 -19.62
CA PHE B 238 -17.44 3.14 -19.30
C PHE B 238 -16.82 3.39 -20.67
N SER B 239 -16.33 4.60 -20.90
CA SER B 239 -15.73 4.94 -22.18
C SER B 239 -14.20 4.97 -22.05
N SER B 240 -13.69 5.72 -21.08
CA SER B 240 -12.25 5.77 -20.82
C SER B 240 -12.02 6.17 -19.37
N LEU B 241 -10.77 6.04 -18.93
CA LEU B 241 -10.40 6.44 -17.59
C LEU B 241 -10.58 7.96 -17.39
N ASP B 242 -10.07 8.75 -18.34
CA ASP B 242 -10.20 10.20 -18.25
C ASP B 242 -11.66 10.67 -18.22
N GLN B 243 -12.51 10.07 -19.03
CA GLN B 243 -13.93 10.44 -19.05
C GLN B 243 -14.60 10.08 -17.74
N THR B 244 -14.24 8.93 -17.17
CA THR B 244 -14.79 8.53 -15.88
C THR B 244 -14.39 9.51 -14.80
N VAL B 245 -13.12 9.90 -14.79
CA VAL B 245 -12.66 10.83 -13.76
C VAL B 245 -13.43 12.14 -13.91
N ASP B 246 -13.70 12.54 -15.15
CA ASP B 246 -14.41 13.80 -15.39
C ASP B 246 -15.80 13.77 -14.80
N GLU B 247 -16.50 12.64 -14.98
CA GLU B 247 -17.83 12.52 -14.46
C GLU B 247 -17.80 12.55 -12.94
N MET B 248 -16.83 11.85 -12.38
CA MET B 248 -16.71 11.79 -10.91
C MET B 248 -16.41 13.17 -10.36
N PHE B 249 -15.45 13.85 -10.96
CA PHE B 249 -15.09 15.20 -10.53
C PHE B 249 -16.25 16.19 -10.65
N ASP B 250 -16.94 16.17 -11.79
CA ASP B 250 -18.09 17.06 -11.98
C ASP B 250 -19.12 16.81 -10.89
N THR B 251 -19.33 15.54 -10.56
CA THR B 251 -20.28 15.20 -9.51
C THR B 251 -19.84 15.74 -8.16
N LEU B 252 -18.55 15.62 -7.83
CA LEU B 252 -18.11 16.24 -6.57
C LEU B 252 -18.39 17.76 -6.56
N LEU B 253 -18.20 18.46 -7.68
CA LEU B 253 -18.44 19.91 -7.72
C LEU B 253 -19.94 20.28 -7.59
N VAL B 254 -20.82 19.51 -8.23
CA VAL B 254 -22.25 19.85 -8.18
C VAL B 254 -23.09 19.28 -7.04
N ASN B 255 -22.61 18.22 -6.36
CA ASN B 255 -23.35 17.61 -5.23
C ASN B 255 -22.82 18.05 -3.86
N GLY B 256 -21.91 19.02 -3.84
CA GLY B 256 -21.28 19.46 -2.60
C GLY B 256 -22.18 20.07 -1.54
N SER B 257 -23.12 20.91 -1.97
CA SER B 257 -24.01 21.58 -1.02
C SER B 257 -24.89 20.60 -0.26
N TYR B 258 -24.97 20.71 1.06
CA TYR B 258 -25.72 19.71 1.82
C TYR B 258 -26.05 20.19 3.20
N HIS B 259 -27.32 20.10 3.60
CA HIS B 259 -27.75 20.49 4.95
C HIS B 259 -28.43 19.25 5.51
N ARG B 260 -28.07 18.88 6.73
CA ARG B 260 -28.69 17.72 7.37
C ARG B 260 -28.41 17.69 8.86
N THR B 261 -29.14 16.84 9.57
CA THR B 261 -28.96 16.69 10.99
C THR B 261 -28.03 15.50 11.29
N LEU B 262 -27.08 15.68 12.20
CA LEU B 262 -26.21 14.57 12.64
C LEU B 262 -26.23 14.62 14.15
N ARG B 263 -26.61 13.53 14.79
CA ARG B 263 -26.63 13.56 16.24
C ARG B 263 -25.25 13.31 16.79
N PHE B 264 -24.98 13.90 17.94
CA PHE B 264 -23.74 13.66 18.63
C PHE B 264 -24.04 13.50 20.11
N TRP B 265 -23.18 12.77 20.83
CA TRP B 265 -23.37 12.55 22.25
C TRP B 265 -22.90 13.74 23.07
N ASP B 266 -23.81 14.37 23.83
CA ASP B 266 -23.44 15.49 24.69
C ASP B 266 -23.18 14.83 26.05
N TYR B 267 -21.92 14.65 26.41
CA TYR B 267 -21.56 13.94 27.65
C TYR B 267 -21.85 14.71 28.94
N GLN B 268 -22.10 16.01 28.82
CA GLN B 268 -22.44 16.80 30.01
C GLN B 268 -23.92 16.59 30.37
N GLN B 269 -24.78 16.55 29.35
CA GLN B 269 -26.19 16.31 29.57
C GLN B 269 -26.51 14.82 29.58
N GLY B 270 -25.67 13.99 28.98
CA GLY B 270 -25.96 12.58 28.88
C GLY B 270 -27.13 12.34 27.93
N SER B 271 -27.05 12.93 26.74
CA SER B 271 -28.11 12.79 25.73
C SER B 271 -27.63 13.06 24.32
N TRP B 272 -28.38 12.55 23.37
CA TRP B 272 -28.07 12.80 21.97
C TRP B 272 -28.56 14.24 21.65
N GLN B 273 -27.72 14.95 20.93
CA GLN B 273 -27.98 16.32 20.48
C GLN B 273 -28.13 16.30 18.97
N GLU B 274 -29.27 16.80 18.49
CA GLU B 274 -29.55 16.84 17.06
C GLU B 274 -28.97 18.17 16.59
N GLU B 275 -27.95 18.10 15.76
CA GLU B 275 -27.25 19.30 15.33
C GLU B 275 -27.36 19.43 13.81
N GLN B 276 -27.83 20.59 13.33
CA GLN B 276 -27.89 20.87 11.90
C GLN B 276 -26.44 21.14 11.47
N GLN B 277 -26.03 20.57 10.35
CA GLN B 277 -24.65 20.70 9.90
C GLN B 277 -24.75 21.04 8.43
N THR B 278 -23.83 21.90 7.98
CA THR B 278 -23.84 22.42 6.63
C THR B 278 -22.54 22.22 5.88
N LYS B 279 -22.64 21.79 4.61
CA LYS B 279 -21.47 21.68 3.76
C LYS B 279 -21.65 22.66 2.61
N GLN B 280 -20.55 23.31 2.22
CA GLN B 280 -20.59 24.20 1.08
C GLN B 280 -20.00 23.39 -0.04
N PRO B 281 -20.35 23.71 -1.27
CA PRO B 281 -19.73 23.03 -2.39
C PRO B 281 -18.25 23.40 -2.48
N LEU B 282 -17.47 22.54 -3.11
CA LEU B 282 -16.08 22.86 -3.38
C LEU B 282 -16.12 24.00 -4.40
N GLN B 283 -15.20 24.95 -4.28
CA GLN B 283 -15.17 26.08 -5.20
C GLN B 283 -13.77 26.62 -5.45
N SER B 284 -13.67 27.36 -6.54
CA SER B 284 -12.43 28.02 -6.91
C SER B 284 -11.79 28.68 -5.71
N GLY B 285 -10.48 28.51 -5.55
CA GLY B 285 -9.77 29.07 -4.43
C GLY B 285 -9.58 28.05 -3.28
N ASP B 286 -10.30 26.94 -3.30
CA ASP B 286 -10.15 25.98 -2.23
C ASP B 286 -8.82 25.26 -2.36
N ARG B 287 -8.23 24.96 -1.21
CA ARG B 287 -7.01 24.16 -1.12
C ARG B 287 -7.52 22.82 -0.59
N VAL B 288 -7.02 21.72 -1.18
CA VAL B 288 -7.52 20.39 -0.83
C VAL B 288 -6.44 19.33 -0.63
N ILE B 289 -6.79 18.28 0.13
CA ILE B 289 -5.97 17.07 0.15
C ILE B 289 -6.76 16.12 -0.77
N ALA B 290 -6.08 15.43 -1.68
CA ALA B 290 -6.79 14.50 -2.57
C ALA B 290 -6.44 13.06 -2.22
N LEU B 291 -7.45 12.21 -2.11
CA LEU B 291 -7.21 10.80 -1.88
C LEU B 291 -7.80 10.03 -3.08
N VAL B 292 -6.92 9.37 -3.84
CA VAL B 292 -7.35 8.49 -4.96
C VAL B 292 -7.17 7.09 -4.40
N ASN B 293 -8.29 6.42 -4.24
CA ASN B 293 -8.37 5.21 -3.45
C ASN B 293 -8.81 4.00 -4.26
N ASN B 294 -8.03 2.93 -4.17
CA ASN B 294 -8.35 1.67 -4.83
C ASN B 294 -9.45 0.98 -4.03
N LEU B 295 -10.55 0.61 -4.67
CA LEU B 295 -11.61 -0.09 -3.91
C LEU B 295 -11.25 -1.58 -3.80
N GLY B 296 -10.21 -1.99 -4.52
CA GLY B 296 -9.76 -3.38 -4.37
C GLY B 296 -8.88 -3.98 -5.43
N ALA B 297 -9.30 -3.88 -6.68
CA ALA B 297 -8.58 -4.55 -7.74
C ALA B 297 -8.14 -3.65 -8.87
N THR B 298 -7.93 -2.36 -8.60
CA THR B 298 -7.51 -1.46 -9.66
C THR B 298 -5.99 -1.38 -9.53
N PRO B 299 -5.26 -1.57 -10.62
CA PRO B 299 -3.81 -1.48 -10.55
C PRO B 299 -3.36 -0.08 -10.16
N LEU B 300 -2.29 0.01 -9.38
CA LEU B 300 -1.71 1.30 -8.99
C LEU B 300 -1.43 2.18 -10.21
N SER B 301 -0.87 1.62 -11.29
CA SER B 301 -0.62 2.39 -12.51
C SER B 301 -1.86 3.20 -12.94
N GLU B 302 -3.03 2.55 -12.91
CA GLU B 302 -4.28 3.20 -13.30
C GLU B 302 -4.62 4.31 -12.30
N LEU B 303 -4.38 4.12 -10.99
CA LEU B 303 -4.65 5.19 -10.01
C LEU B 303 -3.77 6.39 -10.30
N TYR B 304 -2.55 6.19 -10.77
CA TYR B 304 -1.73 7.37 -11.13
C TYR B 304 -2.32 8.08 -12.36
N GLY B 305 -2.89 7.32 -13.28
CA GLY B 305 -3.53 7.95 -14.43
C GLY B 305 -4.74 8.73 -13.96
N VAL B 306 -5.45 8.20 -12.97
CA VAL B 306 -6.61 8.91 -12.41
C VAL B 306 -6.12 10.22 -11.80
N TYR B 307 -5.05 10.13 -11.02
CA TYR B 307 -4.50 11.32 -10.36
C TYR B 307 -4.08 12.35 -11.37
N ASN B 308 -3.50 11.90 -12.47
CA ASN B 308 -3.07 12.84 -13.51
C ASN B 308 -4.25 13.65 -14.04
N ARG B 309 -5.34 12.99 -14.34
CA ARG B 309 -6.53 13.72 -14.83
C ARG B 309 -7.15 14.57 -13.72
N LEU B 310 -7.18 14.04 -12.51
CA LEU B 310 -7.73 14.80 -11.39
C LEU B 310 -7.00 16.15 -11.19
N THR B 311 -5.65 16.15 -11.26
CA THR B 311 -4.90 17.41 -11.13
C THR B 311 -5.29 18.41 -12.22
N THR B 312 -5.49 17.93 -13.44
CA THR B 312 -5.90 18.82 -14.52
C THR B 312 -7.24 19.48 -14.20
N ARG B 313 -8.22 18.66 -13.80
CA ARG B 313 -9.55 19.15 -13.48
C ARG B 313 -9.57 20.13 -12.29
N CYS B 314 -8.78 19.82 -11.27
CA CYS B 314 -8.66 20.68 -10.12
C CYS B 314 -8.07 22.04 -10.57
N GLN B 315 -6.99 22.00 -11.35
CA GLN B 315 -6.38 23.25 -11.82
C GLN B 315 -7.39 24.09 -12.61
N GLN B 316 -8.21 23.45 -13.44
CA GLN B 316 -9.21 24.21 -14.23
C GLN B 316 -10.28 24.86 -13.37
N ALA B 317 -10.66 24.16 -12.32
CA ALA B 317 -11.71 24.60 -11.41
C ALA B 317 -11.22 25.57 -10.32
N GLY B 318 -9.93 25.85 -10.31
CA GLY B 318 -9.38 26.73 -9.29
C GLY B 318 -9.09 26.09 -7.93
N LEU B 319 -9.04 24.75 -7.87
CA LEU B 319 -8.73 24.00 -6.65
C LEU B 319 -7.22 23.71 -6.57
N THR B 320 -6.58 23.97 -5.43
CA THR B 320 -5.15 23.68 -5.32
C THR B 320 -4.96 22.40 -4.56
N ILE B 321 -4.34 21.38 -5.15
CA ILE B 321 -4.15 20.15 -4.40
C ILE B 321 -2.83 20.31 -3.63
N GLU B 322 -2.91 20.34 -2.31
CA GLU B 322 -1.70 20.58 -1.48
C GLU B 322 -0.99 19.29 -1.06
N ARG B 323 -1.76 18.23 -0.87
CA ARG B 323 -1.18 16.93 -0.52
C ARG B 323 -2.06 15.84 -1.16
N ASN B 324 -1.49 14.66 -1.35
CA ASN B 324 -2.27 13.54 -1.87
C ASN B 324 -1.92 12.23 -1.23
N LEU B 325 -2.82 11.26 -1.35
CA LEU B 325 -2.60 9.90 -0.93
C LEU B 325 -3.13 9.10 -2.13
N ILE B 326 -2.36 8.15 -2.65
CA ILE B 326 -2.84 7.32 -3.81
C ILE B 326 -2.55 5.87 -3.45
N GLY B 327 -3.59 5.06 -3.35
CA GLY B 327 -3.35 3.67 -2.99
C GLY B 327 -4.61 3.00 -2.47
N ALA B 328 -4.45 1.84 -1.83
CA ALA B 328 -5.59 1.10 -1.29
C ALA B 328 -5.79 1.47 0.20
N TYR B 329 -6.69 2.42 0.48
CA TYR B 329 -6.93 2.92 1.84
C TYR B 329 -8.27 2.66 2.46
N CYS B 330 -9.29 2.43 1.63
CA CYS B 330 -10.65 2.15 2.15
C CYS B 330 -11.23 1.26 1.04
N THR B 331 -11.17 -0.05 1.23
CA THR B 331 -11.53 -0.94 0.14
C THR B 331 -12.89 -1.60 0.26
N SER B 332 -13.26 -2.45 -0.69
CA SER B 332 -14.45 -3.22 -0.71
C SER B 332 -14.06 -4.57 -1.22
N LEU B 333 -13.48 -5.38 -0.35
CA LEU B 333 -12.96 -6.67 -0.73
C LEU B 333 -12.12 -6.56 -2.03
N ASP B 334 -12.49 -7.29 -3.07
CA ASP B 334 -11.75 -7.25 -4.33
C ASP B 334 -12.51 -6.52 -5.44
N MET B 335 -13.38 -5.59 -5.06
CA MET B 335 -14.16 -4.84 -6.04
C MET B 335 -13.20 -4.18 -6.99
N THR B 336 -13.56 -4.13 -8.27
CA THR B 336 -12.72 -3.43 -9.22
C THR B 336 -13.34 -2.05 -9.31
N GLY B 337 -12.59 -1.03 -8.88
CA GLY B 337 -13.09 0.34 -8.96
C GLY B 337 -12.23 1.23 -8.09
N PHE B 338 -12.61 2.50 -7.97
CA PHE B 338 -11.78 3.38 -7.16
C PHE B 338 -12.67 4.53 -6.77
N SER B 339 -12.24 5.29 -5.79
CA SER B 339 -12.99 6.47 -5.42
C SER B 339 -12.03 7.66 -5.39
N ILE B 340 -12.62 8.84 -5.47
CA ILE B 340 -11.87 10.10 -5.34
C ILE B 340 -12.46 10.86 -4.16
N THR B 341 -11.61 11.35 -3.27
CA THR B 341 -12.04 12.18 -2.12
C THR B 341 -11.27 13.51 -2.16
N LEU B 342 -11.96 14.64 -1.99
CA LEU B 342 -11.30 15.92 -1.93
C LEU B 342 -11.70 16.54 -0.63
N LEU B 343 -10.72 16.93 0.17
CA LEU B 343 -10.97 17.51 1.47
C LEU B 343 -10.40 18.94 1.52
N LYS B 344 -11.27 19.93 1.77
CA LYS B 344 -10.87 21.34 1.87
C LYS B 344 -10.07 21.49 3.14
N VAL B 345 -8.94 22.18 3.07
CA VAL B 345 -8.06 22.34 4.25
C VAL B 345 -7.50 23.77 4.31
N ASP B 346 -6.88 24.11 5.45
CA ASP B 346 -6.18 25.39 5.61
C ASP B 346 -4.78 25.07 6.18
N ASP B 347 -4.01 26.08 6.56
CA ASP B 347 -2.63 25.84 7.04
C ASP B 347 -2.60 24.96 8.30
N GLU B 348 -3.53 25.22 9.22
CA GLU B 348 -3.56 24.46 10.46
C GLU B 348 -3.85 22.98 10.17
N THR B 349 -4.78 22.72 9.27
CA THR B 349 -5.12 21.34 8.89
C THR B 349 -4.00 20.65 8.13
N LEU B 350 -3.30 21.39 7.29
CA LEU B 350 -2.15 20.81 6.60
C LEU B 350 -1.03 20.50 7.61
N ALA B 351 -0.89 21.28 8.68
CA ALA B 351 0.16 20.96 9.68
C ALA B 351 -0.23 19.66 10.37
N LEU B 352 -1.53 19.47 10.60
CA LEU B 352 -2.00 18.21 11.21
C LEU B 352 -1.73 17.02 10.27
N TRP B 353 -1.93 17.24 8.97
CA TRP B 353 -1.62 16.20 7.96
C TRP B 353 -0.15 15.84 8.00
N ASP B 354 0.73 16.84 8.06
CA ASP B 354 2.18 16.60 8.01
C ASP B 354 2.74 16.06 9.33
N ALA B 355 1.96 16.13 10.40
CA ALA B 355 2.44 15.69 11.71
C ALA B 355 2.75 14.19 11.64
N PRO B 356 3.63 13.70 12.53
CA PRO B 356 4.01 12.29 12.55
C PRO B 356 2.85 11.30 12.67
N VAL B 357 2.96 10.20 11.94
CA VAL B 357 2.00 9.11 12.03
C VAL B 357 2.76 7.79 11.85
N HIS B 358 2.43 6.79 12.67
CA HIS B 358 3.13 5.50 12.59
C HIS B 358 2.10 4.40 12.79
N THR B 359 1.58 3.93 11.66
CA THR B 359 0.59 2.87 11.61
C THR B 359 0.97 1.90 10.49
N PRO B 360 0.36 0.73 10.47
CA PRO B 360 0.61 -0.23 9.39
C PRO B 360 0.45 0.37 7.99
N ALA B 361 -0.58 1.19 7.75
CA ALA B 361 -0.85 1.69 6.42
C ALA B 361 -0.23 3.07 6.14
N LEU B 362 -0.02 3.89 7.19
CA LEU B 362 0.46 5.28 6.99
C LEU B 362 1.64 5.52 7.89
N ASN B 363 2.77 5.95 7.32
CA ASN B 363 3.98 6.19 8.09
C ASN B 363 4.83 7.37 7.63
N TRP B 364 4.95 8.39 8.46
CA TRP B 364 5.80 9.52 8.15
C TRP B 364 6.04 10.36 9.40
N GLY B 365 7.22 10.95 9.44
CA GLY B 365 7.61 11.78 10.53
C GLY B 365 7.87 13.18 10.03
N LYS B 366 7.15 13.62 9.01
CA LYS B 366 7.31 14.96 8.41
C LYS B 366 6.36 15.16 7.23
O1 G3H C . 10.91 -6.32 -16.36
C1 G3H C . 10.16 -7.51 -16.14
C2 G3H C . 9.09 -7.64 -17.19
O2 G3H C . 8.21 -6.55 -17.01
C3 G3H C . 9.71 -7.42 -18.60
O1P G3H C . 10.64 -8.47 -18.93
O2P G3H C . 12.49 -9.19 -20.50
O3P G3H C . 10.20 -10.25 -20.63
O4P G3H C . 10.56 -7.79 -21.34
P G3H C . 10.99 -8.95 -20.47
S SO4 D . 6.94 12.53 -2.02
O1 SO4 D . 7.12 11.11 -1.78
O2 SO4 D . 5.53 12.84 -2.04
O3 SO4 D . 7.55 12.90 -3.27
O4 SO4 D . 7.53 13.25 -0.91
O1 G3H E . -18.87 -0.51 8.52
C1 G3H E . -19.35 -0.25 7.20
C2 G3H E . -19.79 -1.57 6.58
O2 G3H E . -18.73 -2.50 6.51
C3 G3H E . -20.81 -2.21 7.55
O1P G3H E . -21.93 -1.35 7.68
O2P G3H E . -24.12 -1.91 6.78
O3P G3H E . -23.30 -3.06 8.95
O4P G3H E . -23.97 -0.66 8.99
P G3H E . -23.44 -1.79 8.14
S SO4 F . 4.78 -2.55 13.44
O1 SO4 F . 5.48 -1.37 13.87
O2 SO4 F . 3.94 -2.18 12.33
O3 SO4 F . 3.97 -3.15 14.49
O4 SO4 F . 5.80 -3.49 13.03
#